data_8A85
#
_entry.id   8A85
#
_cell.length_a   97.321
_cell.length_b   106.679
_cell.length_c   114.752
_cell.angle_alpha   90.000
_cell.angle_beta   90.000
_cell.angle_gamma   90.000
#
_symmetry.space_group_name_H-M   'P 21 21 21'
#
loop_
_entity.id
_entity.type
_entity.pdbx_description
1 polymer 'Phenolic acid decarboxylase N134'
2 water water
#
_entity_poly.entity_id   1
_entity_poly.type   'polypeptide(L)'
_entity_poly.pdbx_seq_one_letter_code
;MGSSHHHHHHSSGLVPRGSHMASRPQPDQDLSGIVGKHLIYTYANGWQYELYVKNENTIDYRIHSGPVGGRWVKDQPVVI
VRLGNGMYKVSWTEPTGTCVSLVVDLAERWLHGTIFFAQWVSQHPELTVVFQNEHLDEMRALRDEGPVYPQVVIDEFATI
TFVENCGIDNDDVIDCAPGELPDGYIDRTN
;
_entity_poly.pdbx_strand_id   A,B,C,D,E,F
#
# COMPACT_ATOMS: atom_id res chain seq x y z
N PRO A 25 -8.17 -23.55 3.91
CA PRO A 25 -9.52 -22.96 3.97
C PRO A 25 -9.57 -21.45 3.71
N GLN A 26 -9.04 -20.97 2.56
CA GLN A 26 -9.14 -19.54 2.13
C GLN A 26 -10.53 -19.25 1.60
N PRO A 27 -11.07 -18.01 1.71
CA PRO A 27 -12.48 -17.77 1.42
C PRO A 27 -12.75 -17.85 -0.09
N ASP A 28 -13.99 -18.19 -0.46
CA ASP A 28 -14.44 -18.24 -1.86
C ASP A 28 -14.24 -16.85 -2.50
N GLN A 29 -13.77 -16.81 -3.75
CA GLN A 29 -13.37 -15.57 -4.46
C GLN A 29 -14.42 -15.16 -5.50
N ASP A 30 -15.71 -15.36 -5.20
CA ASP A 30 -16.84 -14.77 -5.94
C ASP A 30 -16.95 -13.27 -5.58
N LEU A 31 -16.84 -12.40 -6.57
CA LEU A 31 -16.81 -10.92 -6.38
C LEU A 31 -18.16 -10.30 -6.75
N SER A 32 -19.20 -11.10 -6.97
CA SER A 32 -20.52 -10.59 -7.41
C SER A 32 -21.16 -9.73 -6.31
N GLY A 33 -20.83 -9.95 -5.03
CA GLY A 33 -21.29 -9.15 -3.87
C GLY A 33 -20.66 -7.76 -3.79
N ILE A 34 -19.61 -7.47 -4.58
CA ILE A 34 -18.89 -6.15 -4.56
C ILE A 34 -18.99 -5.46 -5.93
N VAL A 35 -18.86 -6.18 -7.08
CA VAL A 35 -18.95 -5.54 -8.41
C VAL A 35 -20.32 -4.89 -8.53
N GLY A 36 -20.35 -3.69 -9.11
CA GLY A 36 -21.56 -2.87 -9.29
C GLY A 36 -21.83 -1.94 -8.12
N LYS A 37 -21.23 -2.19 -6.95
CA LYS A 37 -21.49 -1.40 -5.72
C LYS A 37 -20.94 0.04 -5.88
N HIS A 38 -21.74 0.99 -5.41
CA HIS A 38 -21.44 2.44 -5.40
C HIS A 38 -21.64 2.93 -3.96
N LEU A 39 -20.57 3.47 -3.38
CA LEU A 39 -20.63 3.82 -1.95
C LEU A 39 -20.04 5.20 -1.63
N ILE A 40 -20.66 5.90 -0.68
CA ILE A 40 -20.16 7.18 -0.12
C ILE A 40 -19.75 6.90 1.32
N TYR A 41 -18.57 7.39 1.71
CA TYR A 41 -17.99 7.12 3.04
C TYR A 41 -17.28 8.38 3.55
N THR A 42 -17.27 8.52 4.88
CA THR A 42 -16.64 9.62 5.64
C THR A 42 -15.58 9.02 6.55
N TYR A 43 -14.32 9.36 6.34
CA TYR A 43 -13.22 8.96 7.25
C TYR A 43 -13.43 9.67 8.60
N ALA A 44 -12.85 9.13 9.67
CA ALA A 44 -12.94 9.68 11.06
C ALA A 44 -12.47 11.14 11.10
N ASN A 45 -11.59 11.56 10.17
CA ASN A 45 -11.09 12.95 10.06
C ASN A 45 -12.05 13.83 9.23
N GLY A 46 -13.19 13.29 8.82
CA GLY A 46 -14.29 14.04 8.17
C GLY A 46 -14.21 14.03 6.66
N TRP A 47 -13.15 13.50 6.06
CA TRP A 47 -12.98 13.47 4.58
C TRP A 47 -14.05 12.58 3.94
N GLN A 48 -14.79 13.09 2.96
CA GLN A 48 -15.89 12.38 2.26
C GLN A 48 -15.38 11.89 0.91
N TYR A 49 -15.38 10.58 0.71
CA TYR A 49 -14.92 9.86 -0.51
C TYR A 49 -16.10 9.09 -1.11
N GLU A 50 -15.97 8.76 -2.39
CA GLU A 50 -17.03 8.05 -3.18
C GLU A 50 -16.35 7.03 -4.10
N LEU A 51 -16.90 5.84 -4.18
CA LEU A 51 -16.29 4.71 -4.90
C LEU A 51 -17.35 3.99 -5.73
N TYR A 52 -17.03 3.60 -6.96
CA TYR A 52 -17.88 2.71 -7.80
C TYR A 52 -17.01 1.54 -8.30
N VAL A 53 -17.39 0.32 -7.95
CA VAL A 53 -16.70 -0.92 -8.40
C VAL A 53 -17.28 -1.31 -9.77
N LYS A 54 -16.65 -0.83 -10.83
CA LYS A 54 -17.14 -0.98 -12.23
C LYS A 54 -17.14 -2.46 -12.64
N ASN A 55 -16.10 -3.21 -12.26
CA ASN A 55 -15.94 -4.64 -12.60
C ASN A 55 -14.87 -5.24 -11.67
N GLU A 56 -14.55 -6.52 -11.89
CA GLU A 56 -13.63 -7.33 -11.07
C GLU A 56 -12.31 -6.57 -10.80
N ASN A 57 -11.91 -5.66 -11.69
CA ASN A 57 -10.54 -5.11 -11.59
C ASN A 57 -10.49 -3.62 -11.95
N THR A 58 -11.61 -2.90 -11.84
CA THR A 58 -11.67 -1.47 -12.22
C THR A 58 -12.62 -0.74 -11.28
N ILE A 59 -12.24 0.47 -10.85
CA ILE A 59 -13.11 1.39 -10.07
C ILE A 59 -13.04 2.77 -10.74
N ASP A 60 -14.10 3.53 -10.56
CA ASP A 60 -14.14 5.01 -10.66
C ASP A 60 -14.21 5.52 -9.22
N TYR A 61 -13.65 6.69 -8.93
CA TYR A 61 -13.80 7.31 -7.59
C TYR A 61 -13.83 8.83 -7.72
N ARG A 62 -14.31 9.46 -6.67
CA ARG A 62 -14.57 10.91 -6.61
C ARG A 62 -14.41 11.37 -5.16
N ILE A 63 -13.57 12.37 -4.92
CA ILE A 63 -13.24 12.85 -3.54
C ILE A 63 -13.90 14.20 -3.34
N HIS A 64 -14.71 14.34 -2.29
CA HIS A 64 -15.61 15.50 -2.04
C HIS A 64 -14.99 16.50 -1.07
N SER A 65 -14.20 16.06 -0.12
CA SER A 65 -13.62 16.93 0.94
C SER A 65 -12.29 16.36 1.44
N GLY A 66 -11.64 17.10 2.35
CA GLY A 66 -10.25 16.88 2.75
C GLY A 66 -9.30 17.55 1.77
N PRO A 67 -7.99 17.31 1.94
CA PRO A 67 -6.97 18.01 1.16
C PRO A 67 -7.10 17.88 -0.36
N VAL A 68 -7.69 16.79 -0.85
CA VAL A 68 -7.76 16.49 -2.31
C VAL A 68 -9.23 16.43 -2.74
N GLY A 69 -10.13 17.05 -1.96
CA GLY A 69 -11.51 17.33 -2.41
C GLY A 69 -11.50 17.98 -3.79
N GLY A 70 -12.27 17.45 -4.75
CA GLY A 70 -12.32 17.90 -6.15
C GLY A 70 -11.67 16.89 -7.09
N ARG A 71 -10.78 16.04 -6.59
CA ARG A 71 -10.07 14.98 -7.37
C ARG A 71 -11.09 13.88 -7.73
N TRP A 72 -11.03 13.42 -8.98
CA TRP A 72 -11.86 12.28 -9.43
C TRP A 72 -11.16 11.54 -10.56
N VAL A 73 -11.46 10.25 -10.68
CA VAL A 73 -10.69 9.27 -11.48
C VAL A 73 -11.67 8.26 -12.08
N LYS A 74 -11.49 7.93 -13.37
CA LYS A 74 -12.25 6.83 -14.04
C LYS A 74 -11.28 5.74 -14.46
N ASP A 75 -11.71 4.48 -14.37
CA ASP A 75 -11.02 3.32 -14.98
C ASP A 75 -9.68 3.11 -14.27
N GLN A 76 -9.67 3.27 -12.93
CA GLN A 76 -8.50 2.96 -12.07
C GLN A 76 -8.37 1.45 -12.00
N PRO A 77 -7.28 0.85 -12.52
CA PRO A 77 -7.05 -0.58 -12.37
C PRO A 77 -6.78 -0.87 -10.90
N VAL A 78 -7.32 -1.99 -10.46
CA VAL A 78 -7.51 -2.35 -9.03
C VAL A 78 -7.36 -3.87 -8.91
N VAL A 79 -6.92 -4.35 -7.76
CA VAL A 79 -6.98 -5.80 -7.44
C VAL A 79 -7.92 -5.96 -6.25
N ILE A 80 -8.93 -6.82 -6.39
CA ILE A 80 -9.99 -7.07 -5.36
C ILE A 80 -9.95 -8.52 -4.94
N VAL A 81 -10.06 -8.78 -3.64
CA VAL A 81 -10.25 -10.15 -3.08
C VAL A 81 -11.37 -10.09 -2.05
N ARG A 82 -12.03 -11.23 -1.84
CA ARG A 82 -13.10 -11.41 -0.82
C ARG A 82 -12.44 -11.97 0.44
N LEU A 83 -12.72 -11.36 1.60
CA LEU A 83 -12.12 -11.68 2.91
C LEU A 83 -13.10 -12.49 3.79
N GLY A 84 -14.38 -12.45 3.47
CA GLY A 84 -15.44 -12.99 4.33
C GLY A 84 -16.78 -12.53 3.83
N ASN A 85 -17.85 -12.74 4.59
CA ASN A 85 -19.20 -12.38 4.14
C ASN A 85 -19.29 -10.84 4.11
N GLY A 86 -19.54 -10.28 2.91
CA GLY A 86 -19.70 -8.81 2.73
C GLY A 86 -18.43 -8.02 3.03
N MET A 87 -17.26 -8.69 3.09
CA MET A 87 -15.97 -8.05 3.42
C MET A 87 -15.01 -8.27 2.23
N TYR A 88 -14.46 -7.17 1.69
CA TYR A 88 -13.59 -7.20 0.47
C TYR A 88 -12.34 -6.33 0.72
N LYS A 89 -11.25 -6.65 0.04
CA LYS A 89 -10.01 -5.83 0.00
C LYS A 89 -9.84 -5.29 -1.40
N VAL A 90 -9.51 -4.02 -1.54
CA VAL A 90 -9.32 -3.32 -2.85
C VAL A 90 -8.02 -2.54 -2.76
N SER A 91 -7.07 -2.82 -3.64
CA SER A 91 -5.72 -2.23 -3.61
C SER A 91 -5.33 -1.77 -5.01
N TRP A 92 -4.59 -0.67 -5.11
CA TRP A 92 -4.14 -0.10 -6.39
C TRP A 92 -3.00 0.90 -6.19
N THR A 93 -2.35 1.29 -7.28
CA THR A 93 -1.38 2.41 -7.31
C THR A 93 -1.89 3.45 -8.29
N GLU A 94 -1.52 4.70 -8.05
CA GLU A 94 -1.98 5.87 -8.82
C GLU A 94 -0.82 6.42 -9.63
N PRO A 95 -1.09 7.10 -10.75
CA PRO A 95 -0.06 7.81 -11.51
C PRO A 95 0.71 8.87 -10.70
N THR A 96 0.22 9.30 -9.55
CA THR A 96 0.90 10.25 -8.62
C THR A 96 1.97 9.53 -7.78
N GLY A 97 1.94 8.19 -7.78
CA GLY A 97 2.81 7.33 -6.95
C GLY A 97 2.11 6.86 -5.70
N THR A 98 0.90 7.37 -5.44
CA THR A 98 0.10 7.01 -4.25
C THR A 98 -0.30 5.53 -4.34
N CYS A 99 -0.18 4.80 -3.24
CA CYS A 99 -0.65 3.40 -3.07
C CYS A 99 -1.81 3.37 -2.08
N VAL A 100 -2.83 2.57 -2.38
CA VAL A 100 -4.08 2.51 -1.56
C VAL A 100 -4.41 1.03 -1.34
N SER A 101 -4.76 0.67 -0.11
CA SER A 101 -5.36 -0.66 0.22
C SER A 101 -6.53 -0.40 1.16
N LEU A 102 -7.73 -0.74 0.71
CA LEU A 102 -9.00 -0.58 1.48
C LEU A 102 -9.50 -1.93 1.93
N VAL A 103 -10.03 -2.02 3.14
CA VAL A 103 -10.89 -3.14 3.58
C VAL A 103 -12.32 -2.59 3.67
N VAL A 104 -13.23 -3.12 2.87
CA VAL A 104 -14.66 -2.66 2.80
C VAL A 104 -15.55 -3.70 3.45
N ASP A 105 -16.22 -3.36 4.55
CA ASP A 105 -17.26 -4.21 5.17
C ASP A 105 -18.63 -3.61 4.85
N LEU A 106 -19.28 -4.14 3.80
CA LEU A 106 -20.65 -3.72 3.33
C LEU A 106 -21.71 -4.11 4.37
N ALA A 107 -21.60 -5.28 4.98
CA ALA A 107 -22.55 -5.77 6.01
C ALA A 107 -22.57 -4.77 7.19
N GLU A 108 -21.41 -4.41 7.75
CA GLU A 108 -21.32 -3.59 8.99
C GLU A 108 -21.18 -2.09 8.65
N ARG A 109 -21.17 -1.72 7.36
CA ARG A 109 -21.18 -0.32 6.86
C ARG A 109 -19.96 0.48 7.37
N TRP A 110 -18.78 -0.13 7.36
CA TRP A 110 -17.52 0.59 7.64
C TRP A 110 -16.47 0.16 6.63
N LEU A 111 -15.38 0.91 6.60
CA LEU A 111 -14.28 0.73 5.63
C LEU A 111 -13.00 1.15 6.34
N HIS A 112 -11.89 0.46 6.12
CA HIS A 112 -10.57 0.90 6.64
C HIS A 112 -9.64 1.19 5.47
N GLY A 113 -9.07 2.40 5.45
CA GLY A 113 -8.20 2.85 4.37
C GLY A 113 -6.79 3.06 4.85
N THR A 114 -5.84 2.51 4.12
CA THR A 114 -4.40 2.86 4.18
C THR A 114 -4.03 3.54 2.86
N ILE A 115 -3.62 4.80 2.93
CA ILE A 115 -3.19 5.66 1.79
C ILE A 115 -1.71 6.02 1.99
N PHE A 116 -0.83 5.52 1.15
CA PHE A 116 0.62 5.83 1.12
C PHE A 116 0.88 6.86 0.03
N PHE A 117 1.10 8.13 0.35
CA PHE A 117 1.34 9.17 -0.68
C PHE A 117 2.76 9.72 -0.54
N ALA A 118 3.28 10.21 -1.65
CA ALA A 118 4.63 10.80 -1.75
C ALA A 118 4.66 12.14 -1.01
N GLN A 119 5.84 12.50 -0.52
CA GLN A 119 6.07 13.81 0.15
C GLN A 119 5.46 14.97 -0.69
N TRP A 120 5.67 15.00 -2.02
CA TRP A 120 5.20 16.12 -2.88
C TRP A 120 3.67 16.24 -2.85
N VAL A 121 2.95 15.12 -2.69
CA VAL A 121 1.46 15.13 -2.61
C VAL A 121 1.05 15.70 -1.26
N SER A 122 1.83 15.42 -0.21
CA SER A 122 1.57 15.94 1.17
C SER A 122 1.75 17.46 1.17
N GLN A 123 2.77 17.93 0.46
CA GLN A 123 3.13 19.35 0.35
C GLN A 123 2.16 20.12 -0.55
N HIS A 124 1.74 19.52 -1.66
CA HIS A 124 0.95 20.24 -2.70
C HIS A 124 -0.23 19.39 -3.12
N PRO A 125 -1.14 19.05 -2.19
CA PRO A 125 -2.29 18.21 -2.53
C PRO A 125 -3.10 18.85 -3.68
N GLU A 126 -3.14 20.18 -3.74
CA GLU A 126 -3.89 20.96 -4.76
C GLU A 126 -3.52 20.47 -6.18
N LEU A 127 -2.30 19.98 -6.41
CA LEU A 127 -1.81 19.63 -7.76
C LEU A 127 -2.44 18.33 -8.24
N THR A 128 -3.04 17.53 -7.36
CA THR A 128 -3.73 16.26 -7.72
C THR A 128 -5.23 16.49 -7.87
N VAL A 129 -5.71 17.72 -7.64
CA VAL A 129 -7.17 18.04 -7.68
C VAL A 129 -7.58 18.30 -9.12
N VAL A 130 -7.85 17.24 -9.88
CA VAL A 130 -8.16 17.27 -11.33
C VAL A 130 -9.07 16.10 -11.69
N PHE A 131 -9.65 16.14 -12.89
CA PHE A 131 -10.08 14.91 -13.60
C PHE A 131 -8.80 14.27 -14.11
N GLN A 132 -8.30 13.27 -13.40
CA GLN A 132 -6.93 12.74 -13.63
C GLN A 132 -6.78 12.17 -15.04
N ASN A 133 -7.85 11.65 -15.63
CA ASN A 133 -7.86 11.01 -16.97
C ASN A 133 -7.39 12.00 -18.06
N GLU A 134 -7.65 13.28 -17.86
CA GLU A 134 -7.30 14.38 -18.80
C GLU A 134 -5.93 14.98 -18.44
N HIS A 135 -5.20 14.42 -17.46
CA HIS A 135 -3.96 15.03 -16.91
C HIS A 135 -2.95 13.96 -16.47
N LEU A 136 -2.96 12.79 -17.11
CA LEU A 136 -2.10 11.63 -16.72
C LEU A 136 -0.61 11.98 -16.85
N ASP A 137 -0.22 12.70 -17.91
CA ASP A 137 1.21 13.01 -18.17
C ASP A 137 1.71 13.99 -17.10
N GLU A 138 0.92 15.01 -16.77
CA GLU A 138 1.26 16.01 -15.72
C GLU A 138 1.49 15.29 -14.39
N MET A 139 0.63 14.32 -14.05
CA MET A 139 0.71 13.57 -12.77
C MET A 139 2.04 12.81 -12.75
N ARG A 140 2.41 12.16 -13.86
CA ARG A 140 3.65 11.35 -13.93
C ARG A 140 4.88 12.26 -13.88
N ALA A 141 4.81 13.45 -14.48
CA ALA A 141 5.90 14.45 -14.40
C ALA A 141 6.09 14.88 -12.93
N LEU A 142 5.01 15.20 -12.23
CA LEU A 142 5.06 15.61 -10.79
C LEU A 142 5.62 14.47 -9.93
N ARG A 143 5.23 13.23 -10.24
CA ARG A 143 5.69 11.99 -9.57
C ARG A 143 7.20 11.79 -9.76
N ASP A 144 7.67 11.91 -11.00
CA ASP A 144 9.10 11.66 -11.35
C ASP A 144 9.95 12.79 -10.78
N GLU A 145 9.39 13.99 -10.65
CA GLU A 145 10.08 15.15 -10.07
C GLU A 145 10.27 14.94 -8.55
N GLY A 146 9.31 14.34 -7.86
CA GLY A 146 9.38 14.21 -6.38
C GLY A 146 9.31 15.58 -5.69
N PRO A 147 9.73 15.71 -4.41
CA PRO A 147 10.32 14.62 -3.65
C PRO A 147 9.33 13.53 -3.27
N VAL A 148 9.84 12.33 -3.02
CA VAL A 148 9.04 11.10 -2.76
C VAL A 148 9.03 10.76 -1.29
N TYR A 149 10.14 10.92 -0.56
CA TYR A 149 10.39 10.22 0.73
C TYR A 149 10.75 11.21 1.82
N PRO A 150 10.40 10.93 3.10
CA PRO A 150 9.56 9.80 3.47
C PRO A 150 8.09 9.95 3.02
N GLN A 151 7.47 8.80 2.73
CA GLN A 151 6.04 8.69 2.41
C GLN A 151 5.24 9.11 3.63
N VAL A 152 4.06 9.67 3.40
CA VAL A 152 3.06 9.98 4.46
C VAL A 152 1.97 8.92 4.34
N VAL A 153 1.60 8.30 5.46
CA VAL A 153 0.68 7.15 5.52
C VAL A 153 -0.55 7.57 6.31
N ILE A 154 -1.73 7.42 5.73
CA ILE A 154 -2.99 7.59 6.48
C ILE A 154 -3.63 6.22 6.71
N ASP A 155 -3.90 5.86 7.97
CA ASP A 155 -4.76 4.71 8.37
C ASP A 155 -5.96 5.29 9.10
N GLU A 156 -7.15 5.14 8.54
CA GLU A 156 -8.40 5.67 9.14
C GLU A 156 -9.54 4.72 8.82
N PHE A 157 -10.43 4.57 9.80
CA PHE A 157 -11.78 3.99 9.60
C PHE A 157 -12.68 5.06 8.99
N ALA A 158 -13.61 4.62 8.14
CA ALA A 158 -14.70 5.45 7.58
C ALA A 158 -16.04 4.78 7.87
N THR A 159 -17.11 5.58 8.00
CA THR A 159 -18.52 5.11 8.00
C THR A 159 -19.02 5.13 6.56
N ILE A 160 -19.59 4.04 6.09
CA ILE A 160 -20.28 4.01 4.77
C ILE A 160 -21.72 4.50 4.97
N THR A 161 -22.03 5.70 4.49
CA THR A 161 -23.31 6.42 4.73
C THR A 161 -24.35 6.03 3.68
N PHE A 162 -23.93 5.55 2.49
CA PHE A 162 -24.82 5.24 1.34
C PHE A 162 -24.23 4.14 0.48
N VAL A 163 -25.08 3.19 0.06
CA VAL A 163 -24.73 2.07 -0.86
C VAL A 163 -25.88 1.86 -1.84
N GLU A 164 -25.59 1.65 -3.12
CA GLU A 164 -26.56 1.23 -4.16
C GLU A 164 -25.85 0.30 -5.16
N ASN A 165 -26.64 -0.50 -5.89
CA ASN A 165 -26.15 -1.34 -7.01
C ASN A 165 -26.40 -0.58 -8.31
N CYS A 166 -25.36 -0.35 -9.10
CA CYS A 166 -25.44 0.34 -10.42
C CYS A 166 -25.06 -0.64 -11.55
N GLY A 167 -24.90 -1.92 -11.26
CA GLY A 167 -24.48 -2.93 -12.25
C GLY A 167 -23.06 -2.69 -12.77
N ILE A 168 -22.65 -3.51 -13.75
CA ILE A 168 -21.26 -3.63 -14.28
C ILE A 168 -21.04 -2.58 -15.38
N ASP A 169 -19.83 -2.04 -15.50
CA ASP A 169 -19.37 -1.25 -16.66
C ASP A 169 -20.33 -0.09 -16.98
N ASN A 170 -20.89 0.54 -15.95
CA ASN A 170 -21.83 1.69 -16.09
C ASN A 170 -21.03 2.99 -15.98
N ASP A 171 -20.86 3.68 -17.12
CA ASP A 171 -19.96 4.85 -17.26
C ASP A 171 -20.67 6.13 -16.80
N ASP A 172 -21.91 6.04 -16.34
CA ASP A 172 -22.76 7.22 -16.01
C ASP A 172 -22.73 7.49 -14.49
N VAL A 173 -22.26 6.53 -13.68
CA VAL A 173 -22.31 6.64 -12.19
C VAL A 173 -21.44 7.83 -11.76
N ILE A 174 -20.20 7.87 -12.25
CA ILE A 174 -19.20 8.93 -11.91
C ILE A 174 -18.74 9.54 -13.22
N ASP A 175 -19.42 10.61 -13.66
CA ASP A 175 -19.19 11.24 -14.99
C ASP A 175 -19.10 12.76 -14.88
N CYS A 176 -18.77 13.32 -13.71
CA CYS A 176 -18.51 14.78 -13.55
C CYS A 176 -17.76 15.07 -12.25
N ALA A 177 -17.19 16.26 -12.16
CA ALA A 177 -16.50 16.81 -10.97
C ALA A 177 -17.47 16.84 -9.81
N PRO A 178 -17.03 16.62 -8.56
CA PRO A 178 -17.92 16.67 -7.39
C PRO A 178 -18.59 18.04 -7.21
N GLY A 179 -17.91 19.13 -7.61
CA GLY A 179 -18.44 20.50 -7.58
C GLY A 179 -19.66 20.68 -8.48
N GLU A 180 -19.83 19.84 -9.50
CA GLU A 180 -20.92 19.93 -10.53
C GLU A 180 -22.10 19.02 -10.16
N LEU A 181 -22.14 18.44 -8.95
CA LEU A 181 -23.27 17.57 -8.53
C LEU A 181 -24.39 18.38 -7.89
N PRO A 182 -25.65 17.87 -7.92
CA PRO A 182 -26.72 18.40 -7.07
C PRO A 182 -26.33 18.53 -5.59
N ASP A 183 -26.93 19.48 -4.86
CA ASP A 183 -26.42 19.91 -3.52
C ASP A 183 -26.53 18.79 -2.47
N GLY A 184 -27.58 17.96 -2.50
CA GLY A 184 -27.81 16.94 -1.46
C GLY A 184 -27.18 15.59 -1.75
N TYR A 185 -26.51 15.44 -2.89
CA TYR A 185 -26.05 14.13 -3.46
C TYR A 185 -25.17 13.42 -2.43
N ILE A 186 -24.20 14.09 -1.85
CA ILE A 186 -23.21 13.41 -0.94
C ILE A 186 -23.82 13.22 0.44
N ASP A 187 -24.97 13.82 0.69
CA ASP A 187 -25.60 13.79 2.04
C ASP A 187 -26.68 12.71 2.13
N ARG A 188 -26.97 11.99 1.05
CA ARG A 188 -28.00 10.90 1.04
C ARG A 188 -27.53 9.74 1.93
N THR A 189 -28.45 9.02 2.57
CA THR A 189 -28.18 7.91 3.51
C THR A 189 -29.18 6.77 3.26
N ASN A 190 -28.86 5.53 3.67
CA ASN A 190 -29.77 4.34 3.52
C ASN A 190 -29.30 3.11 4.30
N ARG B 24 -24.78 0.16 13.51
CA ARG B 24 -23.72 -0.36 12.59
C ARG B 24 -22.33 0.03 13.14
N PRO B 25 -21.85 -0.61 14.21
CA PRO B 25 -20.61 -0.18 14.87
C PRO B 25 -19.36 -0.61 14.09
N GLN B 26 -18.25 0.15 14.17
CA GLN B 26 -16.88 -0.26 13.74
C GLN B 26 -16.30 -1.20 14.79
N PRO B 27 -15.42 -2.15 14.43
CA PRO B 27 -15.10 -3.25 15.35
C PRO B 27 -14.22 -2.77 16.51
N ASP B 28 -14.33 -3.45 17.65
CA ASP B 28 -13.53 -3.16 18.86
C ASP B 28 -12.03 -3.27 18.51
N GLN B 29 -11.20 -2.35 19.01
CA GLN B 29 -9.76 -2.23 18.64
C GLN B 29 -8.86 -2.78 19.75
N ASP B 30 -9.29 -3.84 20.44
CA ASP B 30 -8.42 -4.62 21.36
C ASP B 30 -7.51 -5.52 20.51
N LEU B 31 -6.18 -5.36 20.66
CA LEU B 31 -5.17 -6.05 19.83
C LEU B 31 -4.52 -7.22 20.59
N SER B 32 -5.09 -7.62 21.73
CA SER B 32 -4.49 -8.67 22.59
C SER B 32 -4.52 -10.03 21.86
N GLY B 33 -5.48 -10.25 20.94
CA GLY B 33 -5.58 -11.47 20.10
C GLY B 33 -4.51 -11.58 19.01
N ILE B 34 -3.71 -10.52 18.76
CA ILE B 34 -2.65 -10.49 17.71
C ILE B 34 -1.26 -10.25 18.33
N VAL B 35 -1.11 -9.37 19.32
CA VAL B 35 0.24 -9.08 19.91
C VAL B 35 0.79 -10.38 20.51
N GLY B 36 2.09 -10.61 20.31
CA GLY B 36 2.80 -11.82 20.79
C GLY B 36 2.77 -12.96 19.77
N LYS B 37 1.86 -12.91 18.78
CA LYS B 37 1.72 -13.98 17.77
C LYS B 37 2.96 -14.07 16.87
N HIS B 38 3.41 -15.29 16.59
CA HIS B 38 4.53 -15.64 15.70
C HIS B 38 4.01 -16.66 14.68
N LEU B 39 4.02 -16.32 13.38
CA LEU B 39 3.42 -17.18 12.34
C LEU B 39 4.38 -17.39 11.18
N ILE B 40 4.26 -18.57 10.59
CA ILE B 40 4.92 -18.98 9.32
C ILE B 40 3.82 -19.20 8.29
N TYR B 41 4.00 -18.65 7.09
CA TYR B 41 2.98 -18.69 6.02
C TYR B 41 3.68 -18.86 4.66
N THR B 42 2.96 -19.52 3.75
CA THR B 42 3.38 -19.82 2.36
C THR B 42 2.38 -19.15 1.41
N TYR B 43 2.85 -18.19 0.62
CA TYR B 43 2.01 -17.54 -0.43
C TYR B 43 1.70 -18.60 -1.50
N ALA B 44 0.63 -18.39 -2.27
CA ALA B 44 0.18 -19.29 -3.37
C ALA B 44 1.33 -19.55 -4.38
N ASN B 45 2.29 -18.64 -4.51
CA ASN B 45 3.47 -18.76 -5.40
C ASN B 45 4.63 -19.52 -4.71
N GLY B 46 4.40 -20.04 -3.50
CA GLY B 46 5.36 -20.90 -2.77
C GLY B 46 6.29 -20.15 -1.84
N TRP B 47 6.30 -18.81 -1.86
CA TRP B 47 7.23 -18.01 -1.02
C TRP B 47 6.88 -18.19 0.47
N GLN B 48 7.87 -18.51 1.29
CA GLN B 48 7.70 -18.77 2.74
C GLN B 48 8.17 -17.54 3.51
N TYR B 49 7.25 -16.94 4.26
CA TYR B 49 7.46 -15.73 5.10
C TYR B 49 7.20 -16.09 6.56
N GLU B 50 7.74 -15.27 7.45
CA GLU B 50 7.64 -15.42 8.92
C GLU B 50 7.42 -14.04 9.53
N LEU B 51 6.49 -13.96 10.48
CA LEU B 51 6.13 -12.68 11.14
C LEU B 51 6.06 -12.88 12.65
N TYR B 52 6.54 -11.90 13.42
CA TYR B 52 6.33 -11.85 14.90
C TYR B 52 5.78 -10.46 15.24
N VAL B 53 4.59 -10.43 15.83
CA VAL B 53 3.95 -9.15 16.29
C VAL B 53 4.48 -8.85 17.70
N LYS B 54 5.57 -8.09 17.76
CA LYS B 54 6.33 -7.79 19.00
C LYS B 54 5.45 -6.99 19.97
N ASN B 55 4.68 -6.02 19.47
CA ASN B 55 3.75 -5.19 20.28
C ASN B 55 2.73 -4.52 19.36
N GLU B 56 1.87 -3.67 19.93
CA GLU B 56 0.75 -2.99 19.24
C GLU B 56 1.23 -2.33 17.94
N ASN B 57 2.51 -1.96 17.83
CA ASN B 57 2.93 -1.15 16.66
C ASN B 57 4.33 -1.54 16.15
N THR B 58 4.77 -2.77 16.40
CA THR B 58 6.13 -3.22 16.00
C THR B 58 6.08 -4.69 15.61
N ILE B 59 6.76 -5.04 14.52
CA ILE B 59 6.96 -6.46 14.08
C ILE B 59 8.44 -6.67 13.78
N ASP B 60 8.87 -7.91 13.96
CA ASP B 60 10.10 -8.49 13.36
C ASP B 60 9.58 -9.41 12.23
N TYR B 61 10.33 -9.56 11.14
CA TYR B 61 9.98 -10.55 10.09
C TYR B 61 11.24 -11.13 9.47
N ARG B 62 11.05 -12.26 8.81
CA ARG B 62 12.13 -13.08 8.24
C ARG B 62 11.57 -13.81 7.01
N ILE B 63 12.26 -13.66 5.86
CA ILE B 63 11.79 -14.22 4.56
C ILE B 63 12.71 -15.39 4.20
N HIS B 64 12.14 -16.57 3.94
CA HIS B 64 12.87 -17.86 3.78
C HIS B 64 13.04 -18.24 2.32
N SER B 65 12.12 -17.86 1.45
CA SER B 65 12.17 -18.24 0.02
C SER B 65 11.48 -17.17 -0.84
N GLY B 66 11.53 -17.36 -2.15
CA GLY B 66 11.14 -16.35 -3.14
C GLY B 66 12.31 -15.42 -3.42
N PRO B 67 12.07 -14.38 -4.23
CA PRO B 67 13.12 -13.47 -4.67
C PRO B 67 13.93 -12.82 -3.54
N VAL B 68 13.35 -12.63 -2.36
CA VAL B 68 14.04 -11.92 -1.24
C VAL B 68 14.22 -12.89 -0.05
N GLY B 69 14.23 -14.19 -0.31
CA GLY B 69 14.66 -15.19 0.68
C GLY B 69 16.03 -14.81 1.25
N GLY B 70 16.17 -14.79 2.58
CA GLY B 70 17.38 -14.36 3.30
C GLY B 70 17.19 -13.00 3.99
N ARG B 71 16.24 -12.18 3.52
CA ARG B 71 15.95 -10.83 4.08
C ARG B 71 15.29 -11.00 5.45
N TRP B 72 15.72 -10.21 6.43
CA TRP B 72 15.08 -10.21 7.76
C TRP B 72 15.27 -8.84 8.44
N VAL B 73 14.33 -8.52 9.32
CA VAL B 73 14.07 -7.14 9.82
C VAL B 73 13.60 -7.24 11.27
N LYS B 74 14.14 -6.38 12.14
CA LYS B 74 13.68 -6.24 13.55
C LYS B 74 13.11 -4.82 13.75
N ASP B 75 12.08 -4.70 14.55
CA ASP B 75 11.58 -3.39 15.08
C ASP B 75 11.04 -2.54 13.92
N GLN B 76 10.34 -3.18 12.99
CA GLN B 76 9.61 -2.51 11.88
C GLN B 76 8.39 -1.83 12.48
N PRO B 77 8.30 -0.49 12.44
CA PRO B 77 7.10 0.20 12.90
C PRO B 77 5.96 -0.11 11.93
N VAL B 78 4.79 -0.30 12.51
CA VAL B 78 3.62 -0.94 11.87
C VAL B 78 2.37 -0.28 12.42
N VAL B 79 1.29 -0.24 11.65
CA VAL B 79 -0.05 0.14 12.16
C VAL B 79 -0.94 -1.09 12.05
N ILE B 80 -1.56 -1.49 13.15
CA ILE B 80 -2.43 -2.68 13.27
C ILE B 80 -3.85 -2.23 13.65
N VAL B 81 -4.85 -2.78 12.97
CA VAL B 81 -6.27 -2.61 13.35
C VAL B 81 -6.93 -3.99 13.33
N ARG B 82 -7.98 -4.15 14.11
CA ARG B 82 -8.81 -5.36 14.23
C ARG B 82 -10.00 -5.18 13.28
N LEU B 83 -10.24 -6.18 12.42
CA LEU B 83 -11.29 -6.14 11.36
C LEU B 83 -12.51 -6.97 11.79
N GLY B 84 -12.35 -7.87 12.74
CA GLY B 84 -13.39 -8.82 13.16
C GLY B 84 -12.76 -9.91 13.99
N ASN B 85 -13.46 -11.02 14.18
CA ASN B 85 -13.01 -12.07 15.12
C ASN B 85 -11.77 -12.75 14.51
N GLY B 86 -10.62 -12.64 15.18
CA GLY B 86 -9.33 -13.23 14.78
C GLY B 86 -8.81 -12.70 13.45
N MET B 87 -9.30 -11.54 13.01
CA MET B 87 -8.93 -10.93 11.71
C MET B 87 -8.33 -9.53 11.98
N TYR B 88 -7.12 -9.29 11.48
CA TYR B 88 -6.33 -8.06 11.75
C TYR B 88 -5.74 -7.55 10.44
N LYS B 89 -5.54 -6.23 10.34
CA LYS B 89 -4.83 -5.56 9.22
C LYS B 89 -3.51 -5.01 9.77
N VAL B 90 -2.42 -5.20 9.04
CA VAL B 90 -1.06 -4.77 9.43
C VAL B 90 -0.44 -4.09 8.23
N SER B 91 -0.10 -2.81 8.36
CA SER B 91 0.40 -1.99 7.24
C SER B 91 1.65 -1.24 7.69
N TRP B 92 2.59 -1.04 6.79
CA TRP B 92 3.87 -0.35 7.07
C TRP B 92 4.57 0.07 5.78
N THR B 93 5.58 0.92 5.92
CA THR B 93 6.52 1.29 4.84
C THR B 93 7.92 0.94 5.28
N GLU B 94 8.78 0.66 4.31
CA GLU B 94 10.14 0.12 4.55
C GLU B 94 11.14 1.17 4.11
N PRO B 95 12.36 1.14 4.68
CA PRO B 95 13.45 2.01 4.22
C PRO B 95 13.80 1.88 2.72
N THR B 96 13.38 0.80 2.07
CA THR B 96 13.58 0.52 0.62
C THR B 96 12.56 1.29 -0.22
N GLY B 97 11.51 1.83 0.43
CA GLY B 97 10.39 2.49 -0.24
C GLY B 97 9.21 1.54 -0.42
N THR B 98 9.37 0.27 -0.08
CA THR B 98 8.30 -0.75 -0.20
C THR B 98 7.18 -0.41 0.80
N CYS B 99 5.93 -0.54 0.38
CA CYS B 99 4.71 -0.44 1.23
C CYS B 99 4.04 -1.82 1.30
N VAL B 100 3.54 -2.20 2.46
CA VAL B 100 2.93 -3.54 2.74
C VAL B 100 1.62 -3.31 3.47
N SER B 101 0.56 -4.00 3.08
CA SER B 101 -0.71 -4.11 3.85
C SER B 101 -1.11 -5.59 3.85
N LEU B 102 -1.16 -6.21 5.02
CA LEU B 102 -1.57 -7.60 5.23
C LEU B 102 -2.96 -7.63 5.87
N VAL B 103 -3.78 -8.58 5.47
CA VAL B 103 -4.96 -9.02 6.26
C VAL B 103 -4.63 -10.40 6.80
N VAL B 104 -4.61 -10.56 8.11
CA VAL B 104 -4.28 -11.83 8.81
C VAL B 104 -5.56 -12.41 9.41
N ASP B 105 -6.00 -13.60 8.96
CA ASP B 105 -7.09 -14.37 9.62
C ASP B 105 -6.48 -15.54 10.39
N LEU B 106 -6.25 -15.35 11.69
CA LEU B 106 -5.71 -16.39 12.61
C LEU B 106 -6.71 -17.55 12.80
N ALA B 107 -8.01 -17.24 12.93
CA ALA B 107 -9.08 -18.25 13.08
C ALA B 107 -9.06 -19.21 11.88
N GLU B 108 -9.08 -18.70 10.65
CA GLU B 108 -9.20 -19.55 9.43
C GLU B 108 -7.80 -19.92 8.86
N ARG B 109 -6.71 -19.49 9.49
CA ARG B 109 -5.30 -19.87 9.14
C ARG B 109 -4.93 -19.46 7.71
N TRP B 110 -5.34 -18.27 7.28
CA TRP B 110 -4.89 -17.69 5.98
C TRP B 110 -4.52 -16.24 6.19
N LEU B 111 -3.87 -15.65 5.19
CA LEU B 111 -3.39 -14.25 5.21
C LEU B 111 -3.44 -13.74 3.76
N HIS B 112 -3.78 -12.47 3.54
CA HIS B 112 -3.67 -11.83 2.22
C HIS B 112 -2.65 -10.69 2.28
N GLY B 113 -1.68 -10.72 1.38
CA GLY B 113 -0.59 -9.73 1.32
C GLY B 113 -0.68 -8.90 0.06
N THR B 114 -0.65 -7.58 0.21
CA THR B 114 -0.36 -6.62 -0.87
C THR B 114 1.02 -6.01 -0.56
N ILE B 115 1.98 -6.20 -1.45
CA ILE B 115 3.36 -5.64 -1.38
C ILE B 115 3.52 -4.70 -2.58
N PHE B 116 3.67 -3.40 -2.32
CA PHE B 116 3.97 -2.38 -3.33
C PHE B 116 5.46 -2.09 -3.28
N PHE B 117 6.25 -2.75 -4.10
CA PHE B 117 7.70 -2.48 -4.04
C PHE B 117 8.06 -1.53 -5.14
N ALA B 118 9.16 -0.80 -4.92
CA ALA B 118 9.78 0.09 -5.92
C ALA B 118 10.33 -0.73 -7.09
N GLN B 119 10.38 -0.12 -8.26
CA GLN B 119 10.95 -0.76 -9.48
C GLN B 119 12.32 -1.36 -9.15
N TRP B 120 13.21 -0.64 -8.48
CA TRP B 120 14.62 -1.11 -8.26
C TRP B 120 14.62 -2.37 -7.40
N VAL B 121 13.65 -2.55 -6.50
CA VAL B 121 13.55 -3.78 -5.66
C VAL B 121 13.09 -4.95 -6.54
N SER B 122 12.23 -4.69 -7.52
CA SER B 122 11.76 -5.70 -8.50
C SER B 122 12.93 -6.16 -9.37
N GLN B 123 13.79 -5.22 -9.75
CA GLN B 123 14.95 -5.44 -10.65
C GLN B 123 16.07 -6.12 -9.88
N HIS B 124 16.31 -5.74 -8.62
CA HIS B 124 17.49 -6.20 -7.86
C HIS B 124 17.07 -6.63 -6.47
N PRO B 125 16.18 -7.64 -6.35
CA PRO B 125 15.73 -8.11 -5.06
C PRO B 125 16.92 -8.52 -4.18
N GLU B 126 17.98 -9.05 -4.80
CA GLU B 126 19.20 -9.53 -4.10
C GLU B 126 19.76 -8.43 -3.18
N LEU B 127 19.59 -7.14 -3.52
CA LEU B 127 20.25 -6.03 -2.77
C LEU B 127 19.52 -5.77 -1.44
N THR B 128 18.30 -6.28 -1.27
CA THR B 128 17.51 -6.14 -0.01
C THR B 128 17.71 -7.39 0.86
N VAL B 129 18.48 -8.38 0.42
CA VAL B 129 18.67 -9.66 1.14
C VAL B 129 19.80 -9.46 2.15
N VAL B 130 19.44 -8.94 3.32
CA VAL B 130 20.39 -8.52 4.39
C VAL B 130 19.64 -8.58 5.72
N PHE B 131 20.38 -8.50 6.81
CA PHE B 131 19.82 -8.02 8.09
C PHE B 131 19.71 -6.50 7.94
N GLN B 132 18.51 -6.01 7.65
CA GLN B 132 18.29 -4.60 7.26
C GLN B 132 18.76 -3.62 8.37
N ASN B 133 18.66 -4.02 9.63
CA ASN B 133 19.00 -3.17 10.80
C ASN B 133 20.49 -2.77 10.77
N GLU B 134 21.35 -3.59 10.17
CA GLU B 134 22.81 -3.35 10.05
C GLU B 134 23.13 -2.62 8.72
N HIS B 135 22.13 -2.24 7.92
CA HIS B 135 22.33 -1.72 6.54
C HIS B 135 21.28 -0.68 6.15
N LEU B 136 20.77 0.09 7.12
CA LEU B 136 19.67 1.08 6.91
C LEU B 136 20.11 2.20 5.95
N ASP B 137 21.37 2.66 6.03
CA ASP B 137 21.86 3.77 5.17
C ASP B 137 21.94 3.28 3.71
N GLU B 138 22.48 2.09 3.49
CA GLU B 138 22.59 1.45 2.15
C GLU B 138 21.19 1.36 1.54
N MET B 139 20.18 0.94 2.32
CA MET B 139 18.79 0.77 1.81
C MET B 139 18.27 2.12 1.35
N ARG B 140 18.49 3.18 2.13
CA ARG B 140 18.01 4.54 1.80
C ARG B 140 18.76 5.09 0.59
N ALA B 141 20.04 4.80 0.45
CA ALA B 141 20.85 5.19 -0.74
C ALA B 141 20.26 4.53 -2.00
N LEU B 142 19.98 3.22 -1.94
CA LEU B 142 19.39 2.46 -3.08
C LEU B 142 17.99 3.03 -3.41
N ARG B 143 17.23 3.39 -2.39
CA ARG B 143 15.86 4.00 -2.51
C ARG B 143 15.93 5.37 -3.19
N ASP B 144 16.86 6.22 -2.76
CA ASP B 144 17.01 7.62 -3.27
C ASP B 144 17.57 7.57 -4.69
N GLU B 145 18.35 6.54 -5.01
CA GLU B 145 18.91 6.34 -6.38
C GLU B 145 17.77 5.91 -7.33
N GLY B 146 16.80 5.12 -6.86
CA GLY B 146 15.73 4.58 -7.70
C GLY B 146 16.27 3.63 -8.78
N PRO B 147 15.51 3.36 -9.87
CA PRO B 147 14.20 3.97 -10.10
C PRO B 147 13.13 3.44 -9.14
N VAL B 148 12.11 4.26 -8.87
CA VAL B 148 10.98 3.95 -7.96
C VAL B 148 9.75 3.48 -8.74
N TYR B 149 9.51 4.01 -9.94
CA TYR B 149 8.20 3.97 -10.63
C TYR B 149 8.32 3.36 -12.02
N PRO B 150 7.27 2.67 -12.53
CA PRO B 150 6.08 2.34 -11.73
C PRO B 150 6.35 1.29 -10.64
N GLN B 151 5.61 1.38 -9.54
CA GLN B 151 5.62 0.38 -8.46
C GLN B 151 5.10 -0.96 -9.01
N VAL B 152 5.66 -2.06 -8.48
CA VAL B 152 5.27 -3.44 -8.83
C VAL B 152 4.48 -3.98 -7.65
N VAL B 153 3.32 -4.57 -7.89
CA VAL B 153 2.33 -4.91 -6.84
C VAL B 153 2.15 -6.42 -6.80
N ILE B 154 2.36 -7.03 -5.65
CA ILE B 154 2.01 -8.46 -5.45
C ILE B 154 0.78 -8.53 -4.54
N ASP B 155 -0.29 -9.19 -5.01
CA ASP B 155 -1.48 -9.56 -4.21
C ASP B 155 -1.55 -11.08 -4.23
N GLU B 156 -1.37 -11.71 -3.07
CA GLU B 156 -1.43 -13.19 -2.97
C GLU B 156 -2.02 -13.55 -1.60
N PHE B 157 -2.80 -14.62 -1.60
CA PHE B 157 -3.22 -15.37 -0.40
C PHE B 157 -2.07 -16.26 0.02
N ALA B 158 -1.95 -16.46 1.33
CA ALA B 158 -1.00 -17.43 1.94
C ALA B 158 -1.77 -18.35 2.90
N THR B 159 -1.29 -19.58 3.07
CA THR B 159 -1.72 -20.51 4.15
C THR B 159 -0.80 -20.29 5.36
N ILE B 160 -1.38 -20.08 6.55
CA ILE B 160 -0.58 -20.03 7.81
C ILE B 160 -0.40 -21.48 8.29
N THR B 161 0.82 -21.99 8.24
CA THR B 161 1.18 -23.39 8.53
C THR B 161 1.54 -23.56 10.03
N PHE B 162 1.86 -22.48 10.74
CA PHE B 162 2.38 -22.53 12.13
C PHE B 162 2.05 -21.22 12.87
N VAL B 163 1.59 -21.32 14.12
CA VAL B 163 1.26 -20.18 15.02
C VAL B 163 1.66 -20.57 16.45
N GLU B 164 2.35 -19.67 17.16
CA GLU B 164 2.68 -19.80 18.59
C GLU B 164 2.60 -18.41 19.25
N ASN B 165 2.49 -18.43 20.58
CA ASN B 165 2.44 -17.19 21.38
C ASN B 165 3.78 -17.05 22.07
N CYS B 166 4.49 -15.96 21.79
CA CYS B 166 5.85 -15.72 22.33
C CYS B 166 5.82 -14.51 23.28
N GLY B 167 4.63 -13.99 23.61
CA GLY B 167 4.48 -12.78 24.45
C GLY B 167 5.08 -11.54 23.80
N ILE B 168 5.09 -10.43 24.54
CA ILE B 168 5.38 -9.04 24.08
C ILE B 168 6.89 -8.81 24.15
N ASP B 169 7.44 -8.01 23.22
CA ASP B 169 8.81 -7.46 23.30
C ASP B 169 9.86 -8.55 23.55
N ASN B 170 9.69 -9.72 22.94
CA ASN B 170 10.62 -10.86 23.03
C ASN B 170 11.61 -10.80 21.86
N ASP B 171 12.86 -10.44 22.14
CA ASP B 171 13.92 -10.16 21.15
C ASP B 171 14.60 -11.45 20.67
N ASP B 172 14.16 -12.61 21.15
CA ASP B 172 14.80 -13.92 20.85
C ASP B 172 14.06 -14.66 19.73
N VAL B 173 12.84 -14.25 19.41
CA VAL B 173 11.97 -14.98 18.44
C VAL B 173 12.65 -14.98 17.07
N ILE B 174 13.05 -13.80 16.62
CA ILE B 174 13.71 -13.59 15.30
C ILE B 174 15.05 -12.90 15.57
N ASP B 175 16.11 -13.69 15.77
CA ASP B 175 17.45 -13.17 16.18
C ASP B 175 18.57 -13.77 15.33
N CYS B 176 18.30 -14.24 14.11
CA CYS B 176 19.36 -14.68 13.16
C CYS B 176 18.83 -14.77 11.73
N ALA B 177 19.75 -14.85 10.77
CA ALA B 177 19.45 -15.06 9.33
C ALA B 177 18.73 -16.40 9.19
N PRO B 178 17.77 -16.53 8.22
CA PRO B 178 17.07 -17.80 8.01
C PRO B 178 18.00 -18.96 7.64
N GLY B 179 19.10 -18.67 6.95
CA GLY B 179 20.15 -19.66 6.58
C GLY B 179 20.82 -20.29 7.79
N GLU B 180 20.79 -19.63 8.96
CA GLU B 180 21.46 -20.11 10.21
C GLU B 180 20.47 -20.85 11.13
N LEU B 181 19.25 -21.16 10.68
CA LEU B 181 18.25 -21.93 11.48
C LEU B 181 18.43 -23.42 11.14
N PRO B 182 17.95 -24.35 12.01
CA PRO B 182 17.78 -25.75 11.61
C PRO B 182 17.00 -25.90 10.28
N ASP B 183 17.22 -26.97 9.50
CA ASP B 183 16.62 -27.09 8.13
C ASP B 183 15.08 -27.25 8.20
N GLY B 184 14.54 -27.92 9.23
CA GLY B 184 13.09 -28.16 9.34
C GLY B 184 12.32 -27.08 10.07
N TYR B 185 12.95 -25.99 10.52
CA TYR B 185 12.32 -24.89 11.30
C TYR B 185 11.10 -24.36 10.55
N ILE B 186 11.27 -24.08 9.27
CA ILE B 186 10.25 -23.44 8.41
C ILE B 186 9.12 -24.43 8.11
N ASP B 187 9.37 -25.73 8.28
CA ASP B 187 8.46 -26.83 7.87
C ASP B 187 7.60 -27.35 9.04
N ARG B 188 7.77 -26.81 10.24
N ARG B 188 7.77 -26.81 10.25
CA ARG B 188 7.00 -27.20 11.46
CA ARG B 188 7.01 -27.18 11.46
C ARG B 188 5.54 -26.76 11.27
C ARG B 188 5.54 -26.76 11.27
N THR B 189 4.59 -27.51 11.86
CA THR B 189 3.12 -27.27 11.72
C THR B 189 2.43 -27.42 13.07
N ASN B 190 1.25 -26.84 13.23
CA ASN B 190 0.32 -27.08 14.34
C ASN B 190 -1.06 -26.61 13.88
N ARG C 24 14.68 22.05 43.39
CA ARG C 24 14.10 21.77 42.06
C ARG C 24 13.30 22.98 41.57
N PRO C 25 13.95 24.02 41.00
CA PRO C 25 13.25 25.24 40.57
C PRO C 25 12.50 25.04 39.24
N GLN C 26 11.43 25.81 38.98
CA GLN C 26 10.83 26.02 37.63
C GLN C 26 11.70 26.97 36.82
N PRO C 27 11.77 26.86 35.48
CA PRO C 27 12.79 27.57 34.72
C PRO C 27 12.54 29.09 34.68
N ASP C 28 13.62 29.86 34.56
CA ASP C 28 13.57 31.33 34.46
C ASP C 28 12.70 31.72 33.25
N GLN C 29 11.86 32.75 33.39
CA GLN C 29 10.85 33.15 32.36
C GLN C 29 11.30 34.40 31.59
N ASP C 30 12.60 34.56 31.35
CA ASP C 30 13.14 35.58 30.42
C ASP C 30 12.90 35.12 28.97
N LEU C 31 12.18 35.93 28.20
CA LEU C 31 11.74 35.58 26.81
C LEU C 31 12.60 36.32 25.78
N SER C 32 13.71 36.92 26.17
CA SER C 32 14.57 37.70 25.25
C SER C 32 15.21 36.78 24.19
N GLY C 33 15.43 35.51 24.52
CA GLY C 33 15.98 34.48 23.60
C GLY C 33 15.00 34.03 22.51
N ILE C 34 13.70 34.40 22.60
CA ILE C 34 12.65 34.02 21.62
C ILE C 34 12.04 35.25 20.92
N VAL C 35 11.77 36.36 21.63
CA VAL C 35 11.11 37.55 21.00
C VAL C 35 12.04 38.06 19.90
N GLY C 36 11.44 38.45 18.78
CA GLY C 36 12.15 38.92 17.58
C GLY C 36 12.53 37.81 16.61
N LYS C 37 12.54 36.56 17.07
CA LYS C 37 12.94 35.39 16.25
C LYS C 37 11.96 35.17 15.08
N HIS C 38 12.53 34.90 13.91
CA HIS C 38 11.82 34.60 12.64
C HIS C 38 12.38 33.27 12.12
N LEU C 39 11.50 32.27 11.99
CA LEU C 39 11.96 30.90 11.66
C LEU C 39 11.16 30.22 10.56
N ILE C 40 11.86 29.52 9.67
CA ILE C 40 11.23 28.65 8.64
C ILE C 40 11.50 27.20 9.03
N TYR C 41 10.46 26.37 8.98
CA TYR C 41 10.54 24.96 9.43
C TYR C 41 9.71 24.08 8.49
N THR C 42 10.16 22.81 8.37
CA THR C 42 9.50 21.75 7.58
C THR C 42 9.12 20.62 8.51
N TYR C 43 7.83 20.35 8.64
CA TYR C 43 7.31 19.19 9.42
C TYR C 43 7.74 17.90 8.70
N ALA C 44 7.80 16.79 9.41
CA ALA C 44 8.19 15.45 8.89
C ALA C 44 7.29 15.06 7.73
N ASN C 45 6.04 15.59 7.66
CA ASN C 45 5.11 15.35 6.54
C ASN C 45 5.36 16.30 5.36
N GLY C 46 6.40 17.15 5.45
CA GLY C 46 6.90 18.00 4.35
C GLY C 46 6.30 19.40 4.36
N TRP C 47 5.32 19.67 5.23
CA TRP C 47 4.65 21.00 5.28
C TRP C 47 5.66 22.06 5.74
N GLN C 48 5.74 23.17 4.98
CA GLN C 48 6.69 24.28 5.24
C GLN C 48 5.88 25.41 5.88
N TYR C 49 6.25 25.77 7.12
CA TYR C 49 5.63 26.84 7.94
C TYR C 49 6.70 27.89 8.24
N GLU C 50 6.23 29.08 8.58
CA GLU C 50 7.06 30.27 8.92
C GLU C 50 6.43 30.97 10.11
N LEU C 51 7.25 31.37 11.05
CA LEU C 51 6.79 32.03 12.31
C LEU C 51 7.65 33.27 12.58
N TYR C 52 7.04 34.37 13.05
CA TYR C 52 7.76 35.55 13.60
C TYR C 52 7.18 35.87 14.97
N VAL C 53 8.02 35.83 16.00
CA VAL C 53 7.63 36.19 17.39
C VAL C 53 7.77 37.70 17.54
N LYS C 54 6.68 38.42 17.28
CA LYS C 54 6.62 39.91 17.22
C LYS C 54 6.93 40.48 18.61
N ASN C 55 6.39 39.87 19.67
CA ASN C 55 6.64 40.31 21.08
C ASN C 55 6.26 39.17 22.02
N GLU C 56 6.33 39.43 23.33
CA GLU C 56 6.08 38.46 24.41
C GLU C 56 4.79 37.69 24.17
N ASN C 57 3.81 38.26 23.47
CA ASN C 57 2.46 37.64 23.42
C ASN C 57 1.80 37.78 22.04
N THR C 58 2.57 37.95 20.98
CA THR C 58 2.03 38.15 19.61
C THR C 58 2.95 37.48 18.58
N ILE C 59 2.40 36.80 17.59
CA ILE C 59 3.13 36.24 16.43
C ILE C 59 2.40 36.63 15.14
N ASP C 60 3.18 36.74 14.07
CA ASP C 60 2.73 36.65 12.67
C ASP C 60 3.14 35.26 12.18
N TYR C 61 2.38 34.65 11.29
CA TYR C 61 2.81 33.37 10.65
C TYR C 61 2.33 33.30 9.21
N ARG C 62 2.98 32.41 8.46
CA ARG C 62 2.76 32.25 7.00
C ARG C 62 3.03 30.78 6.64
N ILE C 63 2.07 30.14 6.00
CA ILE C 63 2.11 28.70 5.66
C ILE C 63 2.35 28.57 4.15
N HIS C 64 3.40 27.84 3.77
CA HIS C 64 3.88 27.75 2.38
C HIS C 64 3.39 26.49 1.66
N SER C 65 3.17 25.40 2.37
CA SER C 65 2.74 24.11 1.77
C SER C 65 1.95 23.29 2.78
N GLY C 66 1.47 22.12 2.35
CA GLY C 66 0.47 21.33 3.06
C GLY C 66 -0.94 21.80 2.73
N PRO C 67 -1.94 21.22 3.38
CA PRO C 67 -3.34 21.52 3.09
C PRO C 67 -3.71 23.00 3.15
N VAL C 68 -3.03 23.82 3.96
CA VAL C 68 -3.40 25.25 4.16
C VAL C 68 -2.25 26.14 3.69
N GLY C 69 -1.41 25.63 2.80
CA GLY C 69 -0.43 26.48 2.07
C GLY C 69 -1.14 27.67 1.44
N GLY C 70 -0.61 28.88 1.66
CA GLY C 70 -1.22 30.15 1.20
C GLY C 70 -1.80 30.95 2.35
N ARG C 71 -2.14 30.29 3.47
CA ARG C 71 -2.69 30.94 4.69
C ARG C 71 -1.60 31.77 5.38
N TRP C 72 -1.94 32.98 5.79
CA TRP C 72 -1.03 33.84 6.58
C TRP C 72 -1.84 34.78 7.49
N VAL C 73 -1.21 35.14 8.61
CA VAL C 73 -1.88 35.73 9.79
C VAL C 73 -0.94 36.75 10.43
N LYS C 74 -1.48 37.92 10.79
CA LYS C 74 -0.74 38.94 11.57
C LYS C 74 -1.41 39.12 12.93
N ASP C 75 -0.59 39.35 13.97
CA ASP C 75 -1.07 39.82 15.29
C ASP C 75 -1.93 38.73 15.94
N GLN C 76 -1.52 37.48 15.81
CA GLN C 76 -2.12 36.32 16.53
C GLN C 76 -1.70 36.41 18.00
N PRO C 77 -2.66 36.61 18.93
CA PRO C 77 -2.33 36.59 20.36
C PRO C 77 -1.93 35.16 20.73
N VAL C 78 -0.92 35.09 21.59
CA VAL C 78 -0.13 33.86 21.86
C VAL C 78 0.26 33.90 23.34
N VAL C 79 0.43 32.73 23.97
CA VAL C 79 1.08 32.64 25.30
C VAL C 79 2.38 31.88 25.12
N ILE C 80 3.48 32.46 25.58
CA ILE C 80 4.85 31.90 25.46
C ILE C 80 5.41 31.67 26.87
N VAL C 81 6.06 30.52 27.07
CA VAL C 81 6.85 30.24 28.31
C VAL C 81 8.18 29.63 27.88
N ARG C 82 9.18 29.77 28.74
CA ARG C 82 10.55 29.22 28.55
C ARG C 82 10.59 27.88 29.29
N LEU C 83 11.05 26.82 28.63
CA LEU C 83 11.08 25.42 29.14
C LEU C 83 12.49 25.04 29.58
N GLY C 84 13.50 25.76 29.11
CA GLY C 84 14.92 25.37 29.28
C GLY C 84 15.78 26.18 28.36
N ASN C 85 17.03 25.75 28.17
CA ASN C 85 17.99 26.57 27.40
C ASN C 85 17.60 26.52 25.93
N GLY C 86 17.25 27.68 25.35
CA GLY C 86 16.84 27.82 23.93
C GLY C 86 15.57 27.04 23.59
N MET C 87 14.76 26.66 24.61
CA MET C 87 13.54 25.84 24.43
C MET C 87 12.34 26.64 24.97
N TYR C 88 11.31 26.83 24.14
CA TYR C 88 10.12 27.70 24.42
C TYR C 88 8.85 26.96 24.00
N LYS C 89 7.74 27.25 24.66
CA LYS C 89 6.39 26.73 24.33
C LYS C 89 5.55 27.91 23.87
N VAL C 90 4.81 27.74 22.78
CA VAL C 90 3.97 28.80 22.16
C VAL C 90 2.61 28.17 21.90
N SER C 91 1.56 28.71 22.51
CA SER C 91 0.20 28.14 22.41
C SER C 91 -0.79 29.27 22.10
N TRP C 92 -1.82 28.96 21.33
CA TRP C 92 -2.85 29.96 20.93
C TRP C 92 -4.09 29.25 20.39
N THR C 93 -5.17 30.01 20.25
CA THR C 93 -6.40 29.57 19.55
C THR C 93 -6.66 30.55 18.42
N GLU C 94 -7.30 30.07 17.36
CA GLU C 94 -7.50 30.83 16.11
C GLU C 94 -8.98 31.15 15.97
N PRO C 95 -9.31 32.20 15.20
CA PRO C 95 -10.70 32.50 14.87
C PRO C 95 -11.49 31.36 14.20
N THR C 96 -10.79 30.38 13.64
CA THR C 96 -11.37 29.17 12.98
C THR C 96 -11.80 28.14 14.01
N GLY C 97 -11.34 28.30 15.26
CA GLY C 97 -11.54 27.33 16.35
C GLY C 97 -10.33 26.44 16.52
N THR C 98 -9.34 26.52 15.63
CA THR C 98 -8.10 25.71 15.70
C THR C 98 -7.30 26.11 16.95
N CYS C 99 -6.78 25.12 17.69
CA CYS C 99 -5.84 25.32 18.82
C CYS C 99 -4.45 24.81 18.42
N VAL C 100 -3.39 25.48 18.82
CA VAL C 100 -1.98 25.14 18.48
C VAL C 100 -1.14 25.22 19.75
N SER C 101 -0.26 24.24 19.98
CA SER C 101 0.80 24.28 21.00
C SER C 101 2.09 23.79 20.35
N LEU C 102 3.11 24.66 20.26
CA LEU C 102 4.44 24.37 19.70
C LEU C 102 5.46 24.28 20.84
N VAL C 103 6.40 23.35 20.73
CA VAL C 103 7.67 23.40 21.50
C VAL C 103 8.76 23.75 20.49
N VAL C 104 9.43 24.88 20.68
CA VAL C 104 10.52 25.37 19.79
C VAL C 104 11.87 25.19 20.48
N ASP C 105 12.76 24.34 19.94
CA ASP C 105 14.17 24.22 20.39
C ASP C 105 15.07 24.94 19.37
N LEU C 106 15.41 26.20 19.65
CA LEU C 106 16.32 27.03 18.80
C LEU C 106 17.76 26.50 18.82
N ALA C 107 18.24 26.05 19.98
CA ALA C 107 19.59 25.46 20.13
C ALA C 107 19.74 24.25 19.18
N GLU C 108 18.81 23.29 19.24
CA GLU C 108 18.94 22.01 18.48
C GLU C 108 18.24 22.09 17.12
N ARG C 109 17.64 23.23 16.77
CA ARG C 109 17.05 23.50 15.42
C ARG C 109 15.88 22.56 15.08
N TRP C 110 15.07 22.23 16.05
CA TRP C 110 13.83 21.45 15.80
C TRP C 110 12.67 22.09 16.53
N LEU C 111 11.46 21.65 16.19
CA LEU C 111 10.20 22.17 16.73
C LEU C 111 9.22 21.00 16.78
N HIS C 112 8.37 20.92 17.80
CA HIS C 112 7.26 19.94 17.84
C HIS C 112 5.92 20.68 17.84
N GLY C 113 5.04 20.35 16.92
CA GLY C 113 3.75 21.01 16.74
C GLY C 113 2.61 20.05 17.03
N THR C 114 1.66 20.49 17.85
CA THR C 114 0.34 19.89 18.01
C THR C 114 -0.67 20.92 17.46
N ILE C 115 -1.41 20.55 16.42
CA ILE C 115 -2.50 21.36 15.82
C ILE C 115 -3.80 20.60 16.02
N PHE C 116 -4.70 21.16 16.83
CA PHE C 116 -6.08 20.64 17.01
C PHE C 116 -6.99 21.46 16.09
N PHE C 117 -7.18 21.05 14.85
CA PHE C 117 -8.09 21.82 13.99
C PHE C 117 -9.47 21.26 14.06
N ALA C 118 -10.45 22.14 13.81
CA ALA C 118 -11.88 21.81 13.78
C ALA C 118 -12.15 20.88 12.61
N GLN C 119 -13.17 20.04 12.74
CA GLN C 119 -13.57 19.10 11.66
C GLN C 119 -13.73 19.87 10.33
N TRP C 120 -14.40 21.03 10.33
CA TRP C 120 -14.72 21.77 9.07
C TRP C 120 -13.43 22.23 8.40
N VAL C 121 -12.37 22.52 9.18
CA VAL C 121 -11.06 22.94 8.62
C VAL C 121 -10.40 21.72 7.97
N SER C 122 -10.57 20.52 8.56
CA SER C 122 -10.02 19.25 8.01
C SER C 122 -10.70 18.94 6.68
N GLN C 123 -12.00 19.19 6.60
CA GLN C 123 -12.87 18.92 5.43
C GLN C 123 -12.62 19.94 4.33
N HIS C 124 -12.44 21.21 4.68
CA HIS C 124 -12.36 22.31 3.68
C HIS C 124 -11.19 23.22 4.03
N PRO C 125 -9.96 22.69 4.03
CA PRO C 125 -8.80 23.50 4.39
C PRO C 125 -8.69 24.73 3.48
N GLU C 126 -9.10 24.60 2.21
CA GLU C 126 -9.06 25.70 1.21
C GLU C 126 -9.74 26.96 1.78
N LEU C 127 -10.75 26.86 2.65
CA LEU C 127 -11.56 28.02 3.11
C LEU C 127 -10.76 28.86 4.11
N THR C 128 -9.68 28.33 4.70
CA THR C 128 -8.81 29.06 5.64
C THR C 128 -7.61 29.65 4.91
N VAL C 129 -7.47 29.43 3.60
CA VAL C 129 -6.29 29.87 2.81
C VAL C 129 -6.56 31.31 2.36
N VAL C 130 -6.23 32.25 3.24
CA VAL C 130 -6.54 33.70 3.07
C VAL C 130 -5.50 34.49 3.86
N PHE C 131 -5.43 35.80 3.61
CA PHE C 131 -4.92 36.76 4.61
C PHE C 131 -6.04 36.90 5.65
N GLN C 132 -5.89 36.21 6.78
CA GLN C 132 -7.00 36.04 7.75
C GLN C 132 -7.50 37.40 8.28
N ASN C 133 -6.60 38.38 8.37
CA ASN C 133 -6.89 39.72 8.98
C ASN C 133 -7.97 40.45 8.18
N GLU C 134 -8.08 40.17 6.89
CA GLU C 134 -9.07 40.79 5.97
C GLU C 134 -10.34 39.92 5.88
N HIS C 135 -10.46 38.84 6.68
CA HIS C 135 -11.55 37.83 6.55
C HIS C 135 -11.93 37.25 7.93
N LEU C 136 -11.77 38.00 9.02
CA LEU C 136 -12.02 37.54 10.41
C LEU C 136 -13.48 37.15 10.61
N ASP C 137 -14.44 37.90 10.05
CA ASP C 137 -15.88 37.61 10.25
C ASP C 137 -16.25 36.32 9.52
N GLU C 138 -15.76 36.14 8.29
CA GLU C 138 -15.98 34.91 7.50
C GLU C 138 -15.49 33.69 8.30
N MET C 139 -14.31 33.79 8.92
CA MET C 139 -13.69 32.67 9.67
C MET C 139 -14.60 32.33 10.85
N ARG C 140 -15.12 33.34 11.57
CA ARG C 140 -15.99 33.13 12.76
C ARG C 140 -17.34 32.57 12.31
N ALA C 141 -17.86 32.98 11.17
CA ALA C 141 -19.11 32.41 10.59
C ALA C 141 -18.90 30.93 10.28
N LEU C 142 -17.80 30.56 9.62
CA LEU C 142 -17.47 29.15 9.28
C LEU C 142 -17.29 28.33 10.59
N ARG C 143 -16.69 28.93 11.62
CA ARG C 143 -16.46 28.32 12.95
C ARG C 143 -17.81 28.07 13.66
N ASP C 144 -18.70 29.06 13.67
CA ASP C 144 -20.02 28.98 14.35
C ASP C 144 -20.92 28.00 13.59
N GLU C 145 -20.74 27.87 12.29
CA GLU C 145 -21.47 26.91 11.43
C GLU C 145 -21.02 25.49 11.74
N GLY C 146 -19.74 25.27 12.02
CA GLY C 146 -19.14 23.94 12.23
C GLY C 146 -19.23 23.08 10.98
N PRO C 147 -19.13 21.74 11.10
CA PRO C 147 -18.94 21.08 12.40
C PRO C 147 -17.54 21.34 13.00
N VAL C 148 -17.47 21.31 14.33
CA VAL C 148 -16.20 21.54 15.10
C VAL C 148 -15.58 20.18 15.50
N TYR C 149 -16.41 19.16 15.75
CA TYR C 149 -16.03 17.94 16.51
C TYR C 149 -16.33 16.68 15.70
N PRO C 150 -15.54 15.60 15.87
CA PRO C 150 -14.31 15.65 16.66
C PRO C 150 -13.19 16.46 15.99
N GLN C 151 -12.34 17.05 16.80
CA GLN C 151 -11.12 17.76 16.35
C GLN C 151 -10.17 16.73 15.73
N VAL C 152 -9.43 17.16 14.72
CA VAL C 152 -8.42 16.37 13.98
C VAL C 152 -7.05 16.88 14.45
N VAL C 153 -6.19 15.97 14.89
CA VAL C 153 -4.98 16.37 15.68
C VAL C 153 -3.73 15.97 14.91
N ILE C 154 -2.86 16.94 14.64
CA ILE C 154 -1.54 16.64 14.03
C ILE C 154 -0.45 16.85 15.08
N ASP C 155 0.35 15.82 15.34
CA ASP C 155 1.60 15.88 16.15
C ASP C 155 2.75 15.51 15.23
N GLU C 156 3.64 16.45 14.98
CA GLU C 156 4.80 16.25 14.08
C GLU C 156 5.97 17.08 14.61
N PHE C 157 7.15 16.49 14.47
CA PHE C 157 8.44 17.19 14.56
C PHE C 157 8.71 17.92 13.26
N ALA C 158 9.35 19.09 13.35
CA ALA C 158 9.85 19.87 12.19
C ALA C 158 11.34 20.17 12.37
N THR C 159 12.07 20.27 11.27
CA THR C 159 13.45 20.81 11.23
C THR C 159 13.37 22.32 10.99
N ILE C 160 14.05 23.11 11.80
CA ILE C 160 14.17 24.58 11.58
C ILE C 160 15.35 24.79 10.63
N THR C 161 15.07 25.21 9.40
CA THR C 161 16.05 25.34 8.30
C THR C 161 16.70 26.75 8.32
N PHE C 162 16.06 27.73 8.96
CA PHE C 162 16.49 29.16 8.90
C PHE C 162 15.98 29.91 10.14
N VAL C 163 16.86 30.72 10.74
CA VAL C 163 16.56 31.58 11.92
C VAL C 163 17.26 32.93 11.74
N GLU C 164 16.56 34.03 12.00
CA GLU C 164 17.13 35.40 12.06
C GLU C 164 16.44 36.18 13.18
N ASN C 165 17.09 37.21 13.70
CA ASN C 165 16.49 38.17 14.65
C ASN C 165 16.04 39.40 13.85
N CYS C 166 14.76 39.75 13.94
CA CYS C 166 14.15 40.91 13.25
C CYS C 166 13.70 41.96 14.29
N GLY C 167 14.06 41.77 15.57
CA GLY C 167 13.65 42.69 16.64
C GLY C 167 12.14 42.66 16.87
N ILE C 168 11.68 43.54 17.76
CA ILE C 168 10.30 43.59 18.33
C ILE C 168 9.40 44.39 17.40
N ASP C 169 8.12 44.01 17.30
CA ASP C 169 7.03 44.84 16.69
C ASP C 169 7.41 45.30 15.28
N ASN C 170 8.07 44.47 14.51
CA ASN C 170 8.47 44.76 13.11
C ASN C 170 7.40 44.21 12.16
N ASP C 171 6.62 45.10 11.56
CA ASP C 171 5.41 44.78 10.75
C ASP C 171 5.81 44.43 9.31
N ASP C 172 7.11 44.42 9.00
CA ASP C 172 7.63 44.24 7.61
C ASP C 172 8.04 42.78 7.37
N VAL C 173 8.23 42.00 8.42
CA VAL C 173 8.78 40.62 8.33
C VAL C 173 7.82 39.75 7.51
N ILE C 174 6.54 39.79 7.86
CA ILE C 174 5.46 38.98 7.21
C ILE C 174 4.40 39.98 6.77
N ASP C 175 4.51 40.48 5.53
CA ASP C 175 3.64 41.56 5.01
C ASP C 175 3.16 41.22 3.59
N CYS C 176 3.12 39.95 3.20
CA CYS C 176 2.50 39.53 1.91
C CYS C 176 2.21 38.02 1.89
N ALA C 177 1.37 37.60 0.93
CA ALA C 177 1.04 36.18 0.67
C ALA C 177 2.33 35.44 0.33
N PRO C 178 2.47 34.14 0.69
CA PRO C 178 3.66 33.37 0.33
C PRO C 178 3.89 33.28 -1.18
N GLY C 179 2.80 33.27 -1.97
CA GLY C 179 2.81 33.31 -3.45
C GLY C 179 3.52 34.53 -4.03
N GLU C 180 3.58 35.64 -3.29
CA GLU C 180 4.15 36.95 -3.73
C GLU C 180 5.61 37.10 -3.29
N LEU C 181 6.24 36.07 -2.74
CA LEU C 181 7.68 36.13 -2.33
C LEU C 181 8.56 35.66 -3.49
N PRO C 182 9.86 36.02 -3.52
CA PRO C 182 10.85 35.33 -4.37
C PRO C 182 10.78 33.79 -4.22
N ASP C 183 11.16 33.02 -5.25
CA ASP C 183 10.89 31.54 -5.26
C ASP C 183 11.81 30.83 -4.25
N GLY C 184 13.03 31.33 -4.02
CA GLY C 184 14.01 30.69 -3.11
C GLY C 184 13.92 31.14 -1.66
N TYR C 185 12.96 31.98 -1.28
CA TYR C 185 12.84 32.59 0.08
C TYR C 185 12.82 31.48 1.15
N ILE C 186 11.99 30.47 0.95
CA ILE C 186 11.78 29.40 1.96
C ILE C 186 13.00 28.44 1.96
N ASP C 187 13.84 28.50 0.94
CA ASP C 187 14.96 27.54 0.71
C ASP C 187 16.31 28.11 1.17
N ARG C 188 16.34 29.34 1.70
CA ARG C 188 17.53 29.93 2.37
C ARG C 188 17.81 29.14 3.65
N THR C 189 19.08 29.03 4.06
CA THR C 189 19.53 28.25 5.27
C THR C 189 20.58 29.05 6.03
N ASN C 190 20.87 28.74 7.30
CA ASN C 190 22.02 29.34 8.06
C ASN C 190 22.34 28.51 9.30
N PRO D 25 18.52 15.53 14.32
CA PRO D 25 19.00 16.12 15.55
C PRO D 25 17.78 16.30 16.45
N GLN D 26 16.64 15.79 15.99
CA GLN D 26 15.46 15.80 16.88
C GLN D 26 15.77 14.78 17.97
N PRO D 27 15.17 14.86 19.16
CA PRO D 27 15.53 13.95 20.24
C PRO D 27 15.13 12.48 20.02
N ASP D 28 15.89 11.54 20.58
CA ASP D 28 15.52 10.10 20.54
C ASP D 28 14.11 9.93 21.10
N GLN D 29 13.28 9.08 20.48
CA GLN D 29 11.85 8.93 20.79
C GLN D 29 11.54 7.67 21.61
N ASP D 30 12.49 7.25 22.46
CA ASP D 30 12.25 6.16 23.45
C ASP D 30 11.41 6.73 24.61
N LEU D 31 10.25 6.13 24.86
CA LEU D 31 9.26 6.60 25.88
C LEU D 31 9.32 5.77 27.17
N SER D 32 10.35 4.94 27.34
CA SER D 32 10.46 4.04 28.52
C SER D 32 10.65 4.87 29.81
N GLY D 33 11.22 6.08 29.72
CA GLY D 33 11.41 7.02 30.86
C GLY D 33 10.10 7.68 31.32
N ILE D 34 8.99 7.54 30.57
CA ILE D 34 7.67 8.15 30.91
C ILE D 34 6.58 7.08 31.13
N VAL D 35 6.51 6.01 30.32
CA VAL D 35 5.46 4.97 30.47
C VAL D 35 5.60 4.34 31.86
N GLY D 36 4.46 4.10 32.51
CA GLY D 36 4.39 3.56 33.88
C GLY D 36 4.41 4.64 34.96
N LYS D 37 4.85 5.85 34.63
CA LYS D 37 4.97 6.97 35.60
C LYS D 37 3.58 7.42 36.09
N HIS D 38 3.50 7.67 37.40
CA HIS D 38 2.30 8.14 38.12
C HIS D 38 2.70 9.39 38.90
N LEU D 39 2.11 10.55 38.61
CA LEU D 39 2.53 11.81 39.25
C LEU D 39 1.34 12.59 39.80
N ILE D 40 1.62 13.30 40.90
CA ILE D 40 0.73 14.32 41.48
C ILE D 40 1.40 15.68 41.32
N TYR D 41 0.62 16.66 40.88
CA TYR D 41 1.14 18.02 40.62
C TYR D 41 0.10 19.05 41.08
N THR D 42 0.62 20.20 41.49
CA THR D 42 -0.15 21.37 41.97
C THR D 42 0.16 22.56 41.07
N TYR D 43 -0.84 23.05 40.33
CA TYR D 43 -0.71 24.26 39.50
C TYR D 43 -0.49 25.45 40.43
N ALA D 44 0.10 26.53 39.88
CA ALA D 44 0.38 27.80 40.58
C ALA D 44 -0.84 28.32 41.36
N ASN D 45 -2.06 28.05 40.88
CA ASN D 45 -3.35 28.49 41.48
C ASN D 45 -3.83 27.51 42.54
N GLY D 46 -3.03 26.48 42.87
CA GLY D 46 -3.33 25.53 43.96
C GLY D 46 -4.10 24.28 43.53
N TRP D 47 -4.57 24.20 42.28
CA TRP D 47 -5.35 23.04 41.79
C TRP D 47 -4.43 21.80 41.74
N GLN D 48 -4.91 20.69 42.33
CA GLN D 48 -4.12 19.43 42.45
C GLN D 48 -4.69 18.45 41.42
N TYR D 49 -3.81 18.03 40.51
CA TYR D 49 -4.09 17.08 39.40
C TYR D 49 -3.21 15.83 39.59
N GLU D 50 -3.64 14.71 39.00
CA GLU D 50 -2.96 13.40 39.08
C GLU D 50 -2.99 12.75 37.70
N LEU D 51 -1.89 12.13 37.30
CA LEU D 51 -1.73 11.53 35.96
C LEU D 51 -1.07 10.15 36.09
N TYR D 52 -1.50 9.16 35.32
CA TYR D 52 -0.81 7.84 35.18
C TYR D 52 -0.64 7.56 33.69
N VAL D 53 0.60 7.40 33.25
CA VAL D 53 0.93 7.05 31.84
C VAL D 53 0.86 5.53 31.71
N LYS D 54 -0.32 5.04 31.33
CA LYS D 54 -0.63 3.58 31.26
C LYS D 54 0.26 2.90 30.20
N ASN D 55 0.45 3.54 29.05
CA ASN D 55 1.28 3.01 27.94
C ASN D 55 1.64 4.15 26.97
N GLU D 56 2.32 3.83 25.88
CA GLU D 56 2.82 4.78 24.86
C GLU D 56 1.72 5.78 24.47
N ASN D 57 0.45 5.42 24.55
CA ASN D 57 -0.59 6.28 23.94
C ASN D 57 -1.88 6.33 24.78
N THR D 58 -1.79 6.06 26.08
CA THR D 58 -2.98 6.03 26.96
C THR D 58 -2.58 6.56 28.34
N ILE D 59 -3.45 7.40 28.90
CA ILE D 59 -3.34 7.86 30.32
C ILE D 59 -4.69 7.66 31.01
N ASP D 60 -4.63 7.49 32.33
CA ASP D 60 -5.74 7.70 33.28
C ASP D 60 -5.40 9.02 33.99
N TYR D 61 -6.39 9.80 34.41
CA TYR D 61 -6.12 11.00 35.24
C TYR D 61 -7.28 11.21 36.22
N ARG D 62 -6.98 12.01 37.24
CA ARG D 62 -7.89 12.27 38.37
C ARG D 62 -7.62 13.69 38.89
N ILE D 63 -8.66 14.51 39.00
CA ILE D 63 -8.56 15.91 39.43
C ILE D 63 -9.12 16.03 40.85
N HIS D 64 -8.31 16.56 41.78
CA HIS D 64 -8.60 16.56 43.24
C HIS D 64 -9.21 17.87 43.71
N SER D 65 -8.85 18.99 43.08
CA SER D 65 -9.28 20.33 43.55
C SER D 65 -9.33 21.29 42.37
N GLY D 66 -9.79 22.50 42.64
CA GLY D 66 -10.15 23.48 41.61
C GLY D 66 -11.57 23.27 41.13
N PRO D 67 -11.98 24.01 40.10
CA PRO D 67 -13.33 23.98 39.58
C PRO D 67 -13.85 22.60 39.18
N VAL D 68 -12.96 21.69 38.75
CA VAL D 68 -13.40 20.35 38.24
C VAL D 68 -12.82 19.26 39.15
N GLY D 69 -12.48 19.60 40.39
CA GLY D 69 -12.20 18.60 41.44
C GLY D 69 -13.33 17.59 41.50
N GLY D 70 -12.98 16.30 41.47
CA GLY D 70 -13.93 15.18 41.44
C GLY D 70 -13.96 14.48 40.09
N ARG D 71 -13.55 15.17 39.02
CA ARG D 71 -13.48 14.62 37.64
C ARG D 71 -12.35 13.59 37.56
N TRP D 72 -12.61 12.45 36.92
CA TRP D 72 -11.56 11.43 36.67
C TRP D 72 -11.91 10.63 35.43
N VAL D 73 -10.87 10.10 34.78
CA VAL D 73 -10.93 9.57 33.39
C VAL D 73 -9.98 8.37 33.30
N LYS D 74 -10.42 7.30 32.64
CA LYS D 74 -9.55 6.12 32.33
C LYS D 74 -9.45 5.97 30.82
N ASP D 75 -8.29 5.57 30.33
CA ASP D 75 -8.08 5.08 28.94
C ASP D 75 -8.27 6.26 27.98
N GLN D 76 -7.77 7.43 28.36
CA GLN D 76 -7.74 8.65 27.51
C GLN D 76 -6.66 8.43 26.47
N PRO D 77 -7.02 8.37 25.17
CA PRO D 77 -6.01 8.27 24.12
C PRO D 77 -5.25 9.60 24.07
N VAL D 78 -3.96 9.47 23.86
CA VAL D 78 -2.95 10.51 24.10
C VAL D 78 -1.86 10.36 23.03
N VAL D 79 -1.20 11.45 22.65
CA VAL D 79 0.04 11.37 21.85
C VAL D 79 1.19 11.91 22.70
N ILE D 80 2.25 11.12 22.84
CA ILE D 80 3.43 11.42 23.69
C ILE D 80 4.69 11.51 22.82
N VAL D 81 5.53 12.51 23.05
CA VAL D 81 6.89 12.61 22.43
C VAL D 81 7.88 12.96 23.52
N ARG D 82 9.15 12.62 23.29
CA ARG D 82 10.29 12.96 24.19
C ARG D 82 10.93 14.25 23.65
N LEU D 83 11.16 15.24 24.52
CA LEU D 83 11.71 16.57 24.18
C LEU D 83 13.19 16.69 24.54
N GLY D 84 13.66 15.83 25.43
CA GLY D 84 15.02 15.93 26.01
C GLY D 84 15.11 15.01 27.21
N ASN D 85 16.15 15.17 28.03
CA ASN D 85 16.39 14.26 29.17
C ASN D 85 15.29 14.48 30.21
N GLY D 86 14.49 13.44 30.46
CA GLY D 86 13.38 13.46 31.44
C GLY D 86 12.29 14.49 31.10
N MET D 87 12.21 14.94 29.86
CA MET D 87 11.23 15.97 29.40
C MET D 87 10.37 15.36 28.28
N TYR D 88 9.05 15.38 28.43
CA TYR D 88 8.06 14.72 27.54
C TYR D 88 6.90 15.70 27.27
N LYS D 89 6.26 15.57 26.10
CA LYS D 89 5.03 16.31 25.73
C LYS D 89 3.90 15.29 25.65
N VAL D 90 2.73 15.62 26.21
CA VAL D 90 1.53 14.75 26.21
C VAL D 90 0.34 15.62 25.80
N SER D 91 -0.33 15.26 24.70
CA SER D 91 -1.43 16.06 24.14
C SER D 91 -2.61 15.15 23.83
N TRP D 92 -3.83 15.66 23.97
CA TRP D 92 -5.07 14.88 23.72
C TRP D 92 -6.28 15.82 23.60
N THR D 93 -7.40 15.27 23.13
CA THR D 93 -8.71 15.96 23.15
C THR D 93 -9.69 15.14 23.96
N GLU D 94 -10.67 15.82 24.55
CA GLU D 94 -11.64 15.23 25.49
C GLU D 94 -13.01 15.23 24.83
N PRO D 95 -13.88 14.29 25.25
CA PRO D 95 -15.28 14.28 24.77
C PRO D 95 -16.06 15.57 25.04
N THR D 96 -15.59 16.41 25.95
CA THR D 96 -16.18 17.74 26.29
C THR D 96 -15.81 18.80 25.25
N GLY D 97 -14.83 18.49 24.39
CA GLY D 97 -14.26 19.43 23.41
C GLY D 97 -12.96 20.03 23.90
N THR D 98 -12.59 19.76 25.15
CA THR D 98 -11.36 20.30 25.78
C THR D 98 -10.13 19.72 25.06
N CYS D 99 -9.15 20.56 24.76
CA CYS D 99 -7.82 20.16 24.22
C CYS D 99 -6.75 20.45 25.28
N VAL D 100 -5.80 19.54 25.45
CA VAL D 100 -4.76 19.60 26.51
C VAL D 100 -3.41 19.32 25.84
N SER D 101 -2.38 20.11 26.16
CA SER D 101 -0.98 19.84 25.80
C SER D 101 -0.14 20.14 27.02
N LEU D 102 0.52 19.12 27.57
CA LEU D 102 1.38 19.22 28.77
C LEU D 102 2.84 19.06 28.34
N VAL D 103 3.72 19.83 28.96
CA VAL D 103 5.17 19.52 28.96
C VAL D 103 5.51 19.06 30.37
N VAL D 104 5.98 17.84 30.51
CA VAL D 104 6.34 17.20 31.80
C VAL D 104 7.86 17.11 31.91
N ASP D 105 8.47 17.81 32.87
CA ASP D 105 9.91 17.68 33.20
C ASP D 105 10.04 16.89 34.50
N LEU D 106 10.25 15.58 34.39
CA LEU D 106 10.45 14.64 35.54
C LEU D 106 11.77 14.94 36.27
N ALA D 107 12.84 15.25 35.55
CA ALA D 107 14.17 15.59 36.12
C ALA D 107 14.01 16.81 37.06
N GLU D 108 13.41 17.90 36.59
CA GLU D 108 13.34 19.18 37.36
C GLU D 108 12.04 19.27 38.17
N ARG D 109 11.17 18.26 38.12
CA ARG D 109 9.93 18.13 38.92
C ARG D 109 8.96 19.30 38.71
N TRP D 110 8.78 19.72 37.47
CA TRP D 110 7.73 20.72 37.10
C TRP D 110 7.03 20.26 35.84
N LEU D 111 5.91 20.90 35.55
CA LEU D 111 5.03 20.56 34.42
C LEU D 111 4.41 21.87 33.95
N HIS D 112 4.25 22.05 32.62
CA HIS D 112 3.50 23.20 32.08
C HIS D 112 2.27 22.70 31.34
N GLY D 113 1.11 23.23 31.73
CA GLY D 113 -0.18 22.81 31.15
C GLY D 113 -0.81 23.93 30.34
N THR D 114 -1.19 23.64 29.11
CA THR D 114 -2.14 24.43 28.31
C THR D 114 -3.44 23.63 28.17
N ILE D 115 -4.53 24.18 28.72
CA ILE D 115 -5.90 23.61 28.68
C ILE D 115 -6.78 24.57 27.88
N PHE D 116 -7.27 24.16 26.73
CA PHE D 116 -8.26 24.90 25.90
C PHE D 116 -9.64 24.31 26.16
N PHE D 117 -10.51 24.97 26.94
CA PHE D 117 -11.85 24.42 27.23
C PHE D 117 -12.92 25.33 26.62
N ALA D 118 -14.07 24.72 26.35
CA ALA D 118 -15.25 25.39 25.78
C ALA D 118 -15.85 26.34 26.79
N GLN D 119 -16.52 27.38 26.31
CA GLN D 119 -17.26 28.35 27.16
C GLN D 119 -18.16 27.61 28.16
N TRP D 120 -18.92 26.61 27.71
CA TRP D 120 -19.91 25.91 28.58
C TRP D 120 -19.19 25.21 29.74
N VAL D 121 -17.94 24.76 29.54
CA VAL D 121 -17.15 24.09 30.62
C VAL D 121 -16.73 25.15 31.63
N SER D 122 -16.40 26.34 31.17
CA SER D 122 -15.99 27.48 32.03
C SER D 122 -17.17 27.91 32.90
N GLN D 123 -18.37 27.92 32.30
CA GLN D 123 -19.63 28.37 32.94
C GLN D 123 -20.15 27.32 33.90
N HIS D 124 -20.04 26.03 33.54
CA HIS D 124 -20.67 24.94 34.34
C HIS D 124 -19.67 23.82 34.54
N PRO D 125 -18.53 24.08 35.18
CA PRO D 125 -17.51 23.06 35.38
C PRO D 125 -18.12 21.83 36.09
N GLU D 126 -19.09 22.06 36.99
CA GLU D 126 -19.75 20.99 37.79
C GLU D 126 -20.27 19.88 36.86
N LEU D 127 -20.65 20.17 35.61
CA LEU D 127 -21.27 19.18 34.68
C LEU D 127 -20.22 18.17 34.15
N THR D 128 -18.93 18.46 34.27
CA THR D 128 -17.83 17.56 33.84
C THR D 128 -17.29 16.78 35.04
N VAL D 129 -17.84 17.00 36.24
CA VAL D 129 -17.35 16.34 37.49
C VAL D 129 -18.03 14.97 37.59
N VAL D 130 -17.43 13.98 36.93
CA VAL D 130 -17.99 12.61 36.79
C VAL D 130 -16.84 11.62 36.59
N PHE D 131 -17.12 10.34 36.76
CA PHE D 131 -16.33 9.27 36.10
C PHE D 131 -16.75 9.30 34.63
N GLN D 132 -15.93 9.92 33.79
CA GLN D 132 -16.34 10.27 32.41
C GLN D 132 -16.66 9.02 31.59
N ASN D 133 -16.01 7.90 31.87
CA ASN D 133 -16.17 6.61 31.14
C ASN D 133 -17.63 6.11 31.21
N GLU D 134 -18.36 6.44 32.28
CA GLU D 134 -19.76 6.03 32.50
C GLU D 134 -20.72 7.12 32.01
N HIS D 135 -20.24 8.18 31.36
CA HIS D 135 -21.07 9.38 31.02
C HIS D 135 -20.60 10.02 29.69
N LEU D 136 -20.04 9.23 28.77
CA LEU D 136 -19.48 9.71 27.49
C LEU D 136 -20.56 10.36 26.62
N ASP D 137 -21.77 9.82 26.58
CA ASP D 137 -22.86 10.35 25.71
C ASP D 137 -23.29 11.72 26.24
N GLU D 138 -23.46 11.85 27.56
CA GLU D 138 -23.85 13.13 28.21
C GLU D 138 -22.80 14.20 27.86
N MET D 139 -21.50 13.85 27.92
CA MET D 139 -20.41 14.82 27.67
C MET D 139 -20.51 15.31 26.22
N ARG D 140 -20.77 14.40 25.27
CA ARG D 140 -20.86 14.75 23.83
C ARG D 140 -22.11 15.59 23.57
N ALA D 141 -23.20 15.30 24.27
CA ALA D 141 -24.46 16.11 24.17
C ALA D 141 -24.17 17.55 24.65
N LEU D 142 -23.51 17.70 25.80
CA LEU D 142 -23.15 19.03 26.37
C LEU D 142 -22.23 19.78 25.40
N ARG D 143 -21.28 19.07 24.79
CA ARG D 143 -20.29 19.60 23.80
C ARG D 143 -21.01 20.11 22.54
N ASP D 144 -21.93 19.31 21.99
CA ASP D 144 -22.66 19.63 20.73
C ASP D 144 -23.64 20.77 21.00
N GLU D 145 -24.15 20.86 22.22
CA GLU D 145 -25.10 21.92 22.65
C GLU D 145 -24.36 23.25 22.76
N GLY D 146 -23.10 23.26 23.19
CA GLY D 146 -22.35 24.52 23.42
C GLY D 146 -22.98 25.35 24.55
N PRO D 147 -22.69 26.66 24.65
CA PRO D 147 -21.81 27.36 23.71
C PRO D 147 -20.34 26.93 23.83
N VAL D 148 -19.62 27.05 22.72
CA VAL D 148 -18.19 26.63 22.61
C VAL D 148 -17.26 27.84 22.73
N TYR D 149 -17.64 29.01 22.21
CA TYR D 149 -16.69 30.12 21.89
C TYR D 149 -17.13 31.41 22.56
N PRO D 150 -16.20 32.29 22.99
CA PRO D 150 -14.76 32.03 22.92
C PRO D 150 -14.28 30.96 23.91
N GLN D 151 -13.26 30.20 23.51
CA GLN D 151 -12.57 29.22 24.35
C GLN D 151 -11.89 29.98 25.49
N VAL D 152 -11.78 29.33 26.65
CA VAL D 152 -10.96 29.80 27.79
C VAL D 152 -9.67 28.95 27.80
N VAL D 153 -8.53 29.63 27.85
CA VAL D 153 -7.21 28.97 27.73
C VAL D 153 -6.47 29.18 29.04
N ILE D 154 -6.03 28.09 29.68
CA ILE D 154 -5.20 28.18 30.90
C ILE D 154 -3.78 27.73 30.52
N ASP D 155 -2.79 28.59 30.76
CA ASP D 155 -1.35 28.27 30.70
C ASP D 155 -0.78 28.47 32.09
N GLU D 156 -0.35 27.40 32.75
CA GLU D 156 0.16 27.47 34.14
C GLU D 156 1.24 26.42 34.30
N PHE D 157 2.23 26.77 35.11
CA PHE D 157 3.25 25.85 35.67
C PHE D 157 2.63 25.17 36.88
N ALA D 158 3.02 23.89 37.06
CA ALA D 158 2.72 23.09 38.28
C ALA D 158 4.04 22.54 38.84
N THR D 159 4.10 22.33 40.15
CA THR D 159 5.16 21.55 40.84
C THR D 159 4.73 20.08 40.89
N ILE D 160 5.61 19.18 40.48
CA ILE D 160 5.37 17.71 40.63
C ILE D 160 5.86 17.32 42.02
N THR D 161 4.92 17.01 42.92
CA THR D 161 5.18 16.78 44.36
C THR D 161 5.51 15.31 44.60
N PHE D 162 5.11 14.41 43.70
CA PHE D 162 5.21 12.94 43.90
C PHE D 162 5.29 12.23 42.54
N VAL D 163 6.18 11.25 42.44
CA VAL D 163 6.37 10.39 41.24
C VAL D 163 6.65 8.97 41.74
N GLU D 164 6.01 7.96 41.13
CA GLU D 164 6.31 6.52 41.34
C GLU D 164 6.19 5.79 40.01
N ASN D 165 6.83 4.62 39.88
CA ASN D 165 6.65 3.71 38.73
C ASN D 165 5.61 2.66 39.14
N CYS D 166 4.53 2.52 38.37
CA CYS D 166 3.47 1.52 38.58
C CYS D 166 3.46 0.51 37.41
N GLY D 167 4.47 0.54 36.52
CA GLY D 167 4.51 -0.34 35.34
C GLY D 167 3.38 -0.06 34.36
N ILE D 168 3.30 -0.86 33.30
CA ILE D 168 2.44 -0.69 32.09
C ILE D 168 1.06 -1.29 32.36
N ASP D 169 0.01 -0.69 31.81
CA ASP D 169 -1.36 -1.30 31.73
C ASP D 169 -1.85 -1.76 33.11
N ASN D 170 -1.54 -1.02 34.16
CA ASN D 170 -1.97 -1.30 35.55
C ASN D 170 -3.27 -0.53 35.84
N ASP D 171 -4.39 -1.26 35.90
CA ASP D 171 -5.76 -0.68 35.97
C ASP D 171 -6.12 -0.35 37.42
N ASP D 172 -5.22 -0.56 38.38
CA ASP D 172 -5.48 -0.39 39.83
C ASP D 172 -4.98 0.97 40.33
N VAL D 173 -4.12 1.64 39.56
CA VAL D 173 -3.50 2.93 39.97
C VAL D 173 -4.62 3.97 40.16
N ILE D 174 -5.50 4.12 39.17
CA ILE D 174 -6.61 5.12 39.22
C ILE D 174 -7.92 4.36 39.01
N ASP D 175 -8.55 3.91 40.10
CA ASP D 175 -9.74 3.02 40.02
C ASP D 175 -10.86 3.50 40.95
N CYS D 176 -10.90 4.78 41.32
CA CYS D 176 -12.02 5.37 42.11
C CYS D 176 -11.99 6.90 42.05
N ALA D 177 -13.09 7.52 42.45
CA ALA D 177 -13.26 8.98 42.59
C ALA D 177 -12.24 9.49 43.62
N PRO D 178 -11.71 10.72 43.46
CA PRO D 178 -10.74 11.27 44.42
C PRO D 178 -11.30 11.42 45.83
N GLY D 179 -12.62 11.66 45.96
CA GLY D 179 -13.34 11.75 47.26
C GLY D 179 -13.26 10.45 48.05
N GLU D 180 -13.06 9.30 47.38
CA GLU D 180 -13.07 7.96 47.99
C GLU D 180 -11.64 7.47 48.29
N LEU D 181 -10.63 8.35 48.24
CA LEU D 181 -9.23 7.96 48.55
C LEU D 181 -8.92 8.11 50.02
N PRO D 182 -7.92 7.36 50.54
CA PRO D 182 -7.38 7.60 51.89
C PRO D 182 -7.03 9.07 52.13
N ASP D 183 -7.10 9.51 53.40
CA ASP D 183 -6.81 10.92 53.79
C ASP D 183 -5.29 11.09 53.60
N GLY D 184 -4.89 12.14 52.89
CA GLY D 184 -3.47 12.49 52.73
C GLY D 184 -2.78 11.86 51.52
N TYR D 185 -3.52 11.09 50.71
CA TYR D 185 -3.04 10.50 49.42
C TYR D 185 -2.41 11.58 48.54
N ILE D 186 -3.14 12.68 48.38
CA ILE D 186 -2.78 13.80 47.47
C ILE D 186 -1.59 14.57 48.04
N ASP D 187 -1.29 14.43 49.33
CA ASP D 187 -0.30 15.27 50.08
C ASP D 187 1.05 14.54 50.21
N ARG D 188 1.18 13.31 49.73
CA ARG D 188 2.47 12.54 49.80
C ARG D 188 3.53 13.21 48.92
N THR D 189 4.82 13.13 49.29
CA THR D 189 5.95 13.79 48.57
C THR D 189 7.14 12.82 48.49
N ASN D 190 8.08 13.02 47.54
CA ASN D 190 9.31 12.18 47.41
C ASN D 190 10.35 12.79 46.45
N PRO E 25 -5.87 -16.73 -45.73
CA PRO E 25 -4.48 -17.24 -45.91
C PRO E 25 -3.61 -17.01 -44.66
N GLN E 26 -2.72 -17.96 -44.32
CA GLN E 26 -1.72 -17.88 -43.23
C GLN E 26 -0.54 -17.02 -43.66
N PRO E 27 0.19 -16.36 -42.73
CA PRO E 27 1.25 -15.45 -43.13
C PRO E 27 2.47 -16.18 -43.70
N ASP E 28 3.20 -15.52 -44.60
CA ASP E 28 4.46 -16.04 -45.18
C ASP E 28 5.45 -16.35 -44.05
N GLN E 29 6.18 -17.47 -44.14
CA GLN E 29 7.07 -17.99 -43.07
C GLN E 29 8.55 -17.72 -43.39
N ASP E 30 8.85 -16.59 -44.03
CA ASP E 30 10.25 -16.08 -44.17
C ASP E 30 10.68 -15.46 -42.83
N LEU E 31 11.77 -15.98 -42.26
CA LEU E 31 12.27 -15.61 -40.92
C LEU E 31 13.48 -14.67 -41.04
N SER E 32 13.77 -14.13 -42.20
CA SER E 32 14.98 -13.29 -42.43
C SER E 32 14.87 -11.98 -41.64
N GLY E 33 13.65 -11.50 -41.38
CA GLY E 33 13.35 -10.29 -40.58
C GLY E 33 13.58 -10.48 -39.08
N ILE E 34 13.81 -11.72 -38.60
CA ILE E 34 14.04 -12.03 -37.14
C ILE E 34 15.45 -12.63 -36.93
N VAL E 35 15.93 -13.53 -37.80
CA VAL E 35 17.28 -14.17 -37.60
C VAL E 35 18.33 -13.06 -37.62
N GLY E 36 19.30 -13.17 -36.71
CA GLY E 36 20.39 -12.18 -36.52
C GLY E 36 20.04 -11.08 -35.54
N LYS E 37 18.75 -10.88 -35.24
CA LYS E 37 18.28 -9.79 -34.34
C LYS E 37 18.78 -10.02 -32.90
N HIS E 38 19.21 -8.93 -32.27
CA HIS E 38 19.69 -8.85 -30.88
C HIS E 38 18.89 -7.75 -30.19
N LEU E 39 18.15 -8.12 -29.15
CA LEU E 39 17.22 -7.15 -28.52
C LEU E 39 17.27 -7.13 -27.01
N ILE E 40 17.17 -5.93 -26.43
CA ILE E 40 17.05 -5.71 -24.97
C ILE E 40 15.63 -5.23 -24.72
N TYR E 41 14.98 -5.82 -23.72
CA TYR E 41 13.58 -5.51 -23.37
C TYR E 41 13.44 -5.50 -21.84
N THR E 42 12.52 -4.65 -21.39
CA THR E 42 12.16 -4.42 -19.98
C THR E 42 10.68 -4.76 -19.82
N TYR E 43 10.38 -5.79 -19.03
CA TYR E 43 8.97 -6.15 -18.70
C TYR E 43 8.37 -5.00 -17.86
N ALA E 44 7.05 -4.89 -17.83
CA ALA E 44 6.27 -3.90 -17.06
C ALA E 44 6.70 -3.91 -15.57
N ASN E 45 7.19 -5.04 -15.05
CA ASN E 45 7.66 -5.19 -13.64
C ASN E 45 9.15 -4.79 -13.50
N GLY E 46 9.76 -4.28 -14.57
CA GLY E 46 11.13 -3.73 -14.54
C GLY E 46 12.21 -4.74 -14.92
N TRP E 47 11.88 -6.03 -15.07
CA TRP E 47 12.89 -7.08 -15.36
C TRP E 47 13.50 -6.85 -16.75
N GLN E 48 14.83 -6.82 -16.86
CA GLN E 48 15.57 -6.54 -18.10
C GLN E 48 16.12 -7.87 -18.62
N TYR E 49 15.69 -8.23 -19.82
CA TYR E 49 16.05 -9.47 -20.54
C TYR E 49 16.71 -9.07 -21.86
N GLU E 50 17.51 -9.99 -22.38
CA GLU E 50 18.32 -9.81 -23.62
C GLU E 50 18.26 -11.09 -24.44
N LEU E 51 18.03 -10.95 -25.73
CA LEU E 51 17.82 -12.09 -26.64
C LEU E 51 18.67 -11.91 -27.90
N TYR E 52 19.28 -12.99 -28.40
CA TYR E 52 19.93 -13.01 -29.74
C TYR E 52 19.39 -14.21 -30.51
N VAL E 53 18.77 -13.94 -31.67
CA VAL E 53 18.25 -15.02 -32.58
C VAL E 53 19.42 -15.45 -33.47
N LYS E 54 20.14 -16.48 -33.03
CA LYS E 54 21.38 -16.97 -33.68
C LYS E 54 21.06 -17.53 -35.09
N ASN E 55 19.95 -18.26 -35.23
CA ASN E 55 19.49 -18.85 -36.50
C ASN E 55 18.01 -19.22 -36.40
N GLU E 56 17.47 -19.84 -37.45
CA GLU E 56 16.05 -20.23 -37.59
C GLU E 56 15.54 -20.91 -36.32
N ASN E 57 16.39 -21.59 -35.56
CA ASN E 57 15.89 -22.48 -34.48
C ASN E 57 16.79 -22.46 -33.25
N THR E 58 17.55 -21.39 -33.04
CA THR E 58 18.50 -21.31 -31.90
C THR E 58 18.59 -19.87 -31.42
N ILE E 59 18.59 -19.67 -30.10
CA ILE E 59 18.82 -18.35 -29.44
C ILE E 59 19.89 -18.51 -28.37
N ASP E 60 20.60 -17.41 -28.11
CA ASP E 60 21.32 -17.15 -26.84
C ASP E 60 20.48 -16.13 -26.08
N TYR E 61 20.49 -16.17 -24.76
CA TYR E 61 19.82 -15.12 -23.96
C TYR E 61 20.60 -14.87 -22.67
N ARG E 62 20.32 -13.71 -22.08
CA ARG E 62 21.02 -13.19 -20.89
C ARG E 62 20.01 -12.35 -20.09
N ILE E 63 19.87 -12.66 -18.80
CA ILE E 63 18.88 -11.99 -17.91
C ILE E 63 19.66 -11.10 -16.96
N HIS E 64 19.32 -9.80 -16.92
CA HIS E 64 20.10 -8.75 -16.20
C HIS E 64 19.49 -8.43 -14.84
N SER E 65 18.18 -8.53 -14.71
CA SER E 65 17.48 -8.14 -13.46
C SER E 65 16.20 -8.97 -13.28
N GLY E 66 15.53 -8.77 -12.16
CA GLY E 66 14.43 -9.63 -11.70
C GLY E 66 15.00 -10.80 -10.91
N PRO E 67 14.12 -11.74 -10.53
CA PRO E 67 14.52 -12.85 -9.65
C PRO E 67 15.66 -13.71 -10.19
N VAL E 68 15.84 -13.79 -11.52
CA VAL E 68 16.87 -14.68 -12.13
C VAL E 68 17.89 -13.83 -12.91
N GLY E 69 18.01 -12.55 -12.55
CA GLY E 69 19.16 -11.74 -12.99
C GLY E 69 20.48 -12.45 -12.74
N GLY E 70 21.33 -12.54 -13.76
CA GLY E 70 22.61 -13.27 -13.72
C GLY E 70 22.58 -14.53 -14.56
N ARG E 71 21.38 -15.09 -14.81
CA ARG E 71 21.15 -16.29 -15.64
C ARG E 71 21.45 -15.96 -17.09
N TRP E 72 22.17 -16.85 -17.78
CA TRP E 72 22.43 -16.71 -19.23
C TRP E 72 22.65 -18.08 -19.86
N VAL E 73 22.33 -18.16 -21.15
CA VAL E 73 22.16 -19.45 -21.89
C VAL E 73 22.65 -19.26 -23.32
N LYS E 74 23.38 -20.24 -23.83
CA LYS E 74 23.81 -20.29 -25.25
C LYS E 74 23.17 -21.51 -25.92
N ASP E 75 22.75 -21.36 -27.17
CA ASP E 75 22.38 -22.51 -28.06
C ASP E 75 21.10 -23.16 -27.51
N GLN E 76 20.16 -22.34 -27.06
CA GLN E 76 18.81 -22.78 -26.65
C GLN E 76 18.02 -23.14 -27.91
N PRO E 77 17.64 -24.40 -28.10
CA PRO E 77 16.79 -24.77 -29.23
C PRO E 77 15.40 -24.17 -29.03
N VAL E 78 14.85 -23.69 -30.13
CA VAL E 78 13.71 -22.75 -30.17
C VAL E 78 12.87 -23.10 -31.41
N VAL E 79 11.56 -22.85 -31.35
CA VAL E 79 10.71 -22.89 -32.58
C VAL E 79 10.19 -21.47 -32.83
N ILE E 80 10.39 -20.96 -34.04
CA ILE E 80 10.03 -19.57 -34.44
C ILE E 80 9.03 -19.60 -35.59
N VAL E 81 7.97 -18.78 -35.54
CA VAL E 81 7.03 -18.56 -36.69
C VAL E 81 6.81 -17.07 -36.86
N ARG E 82 6.40 -16.65 -38.05
CA ARG E 82 6.08 -15.25 -38.39
C ARG E 82 4.56 -15.11 -38.27
N LEU E 83 4.09 -14.08 -37.56
CA LEU E 83 2.66 -13.81 -37.25
C LEU E 83 2.11 -12.67 -38.13
N GLY E 84 2.99 -11.89 -38.75
CA GLY E 84 2.61 -10.69 -39.52
C GLY E 84 3.82 -9.82 -39.76
N ASN E 85 3.62 -8.57 -40.15
CA ASN E 85 4.73 -7.66 -40.48
C ASN E 85 5.49 -7.34 -39.20
N GLY E 86 6.77 -7.73 -39.14
CA GLY E 86 7.68 -7.50 -38.01
C GLY E 86 7.21 -8.16 -36.72
N MET E 87 6.33 -9.15 -36.80
CA MET E 87 5.74 -9.84 -35.61
C MET E 87 6.08 -11.33 -35.70
N TYR E 88 6.71 -11.88 -34.66
CA TYR E 88 7.23 -13.27 -34.63
C TYR E 88 6.84 -13.92 -33.29
N LYS E 89 6.69 -15.24 -33.28
CA LYS E 89 6.48 -16.06 -32.05
C LYS E 89 7.73 -16.91 -31.84
N VAL E 90 8.21 -16.99 -30.60
CA VAL E 90 9.41 -17.80 -30.24
C VAL E 90 9.04 -18.60 -29.00
N SER E 91 9.11 -19.92 -29.08
CA SER E 91 8.71 -20.81 -27.97
C SER E 91 9.79 -21.85 -27.75
N TRP E 92 9.99 -22.28 -26.50
CA TRP E 92 11.02 -23.27 -26.15
C TRP E 92 10.77 -23.84 -24.74
N THR E 93 11.45 -24.93 -24.41
CA THR E 93 11.50 -25.50 -23.05
C THR E 93 12.94 -25.50 -22.58
N GLU E 94 13.13 -25.41 -21.28
CA GLU E 94 14.45 -25.26 -20.63
C GLU E 94 14.74 -26.53 -19.86
N PRO E 95 16.04 -26.85 -19.64
CA PRO E 95 16.43 -27.94 -18.76
C PRO E 95 15.87 -27.87 -17.32
N THR E 96 15.43 -26.71 -16.88
CA THR E 96 14.81 -26.48 -15.53
C THR E 96 13.33 -26.93 -15.51
N GLY E 97 12.77 -27.18 -16.69
CA GLY E 97 11.35 -27.52 -16.86
C GLY E 97 10.55 -26.32 -17.29
N THR E 98 11.17 -25.13 -17.31
CA THR E 98 10.50 -23.87 -17.66
C THR E 98 10.10 -23.93 -19.14
N CYS E 99 8.87 -23.48 -19.44
CA CYS E 99 8.36 -23.29 -20.82
C CYS E 99 8.20 -21.79 -21.07
N VAL E 100 8.57 -21.32 -22.26
CA VAL E 100 8.51 -19.90 -22.66
C VAL E 100 7.82 -19.82 -24.02
N SER E 101 6.90 -18.87 -24.18
CA SER E 101 6.35 -18.46 -25.50
C SER E 101 6.35 -16.93 -25.52
N LEU E 102 7.10 -16.34 -26.44
CA LEU E 102 7.18 -14.86 -26.64
C LEU E 102 6.46 -14.51 -27.94
N VAL E 103 5.75 -13.39 -27.93
CA VAL E 103 5.36 -12.68 -29.18
C VAL E 103 6.21 -11.42 -29.26
N VAL E 104 7.02 -11.29 -30.30
CA VAL E 104 7.95 -10.14 -30.50
C VAL E 104 7.41 -9.28 -31.64
N ASP E 105 7.05 -8.02 -31.36
CA ASP E 105 6.69 -7.00 -32.39
C ASP E 105 7.86 -6.03 -32.51
N LEU E 106 8.75 -6.27 -33.50
CA LEU E 106 9.92 -5.42 -33.82
C LEU E 106 9.47 -4.05 -34.38
N ALA E 107 8.43 -4.03 -35.21
CA ALA E 107 7.87 -2.79 -35.81
C ALA E 107 7.42 -1.85 -34.68
N GLU E 108 6.61 -2.32 -33.73
CA GLU E 108 6.01 -1.45 -32.68
C GLU E 108 6.87 -1.45 -31.40
N ARG E 109 8.01 -2.17 -31.38
CA ARG E 109 9.00 -2.17 -30.27
C ARG E 109 8.37 -2.64 -28.94
N TRP E 110 7.54 -3.66 -28.96
CA TRP E 110 7.05 -4.32 -27.72
C TRP E 110 7.12 -5.84 -27.90
N LEU E 111 6.96 -6.55 -26.79
CA LEU E 111 7.07 -8.02 -26.72
C LEU E 111 6.09 -8.49 -25.64
N HIS E 112 5.43 -9.63 -25.82
CA HIS E 112 4.63 -10.26 -24.76
C HIS E 112 5.22 -11.62 -24.40
N GLY E 113 5.48 -11.81 -23.11
CA GLY E 113 6.12 -13.04 -22.61
C GLY E 113 5.18 -13.81 -21.71
N THR E 114 5.07 -15.10 -21.98
CA THR E 114 4.48 -16.11 -21.06
C THR E 114 5.62 -17.02 -20.61
N ILE E 115 5.90 -17.06 -19.31
CA ILE E 115 6.93 -17.91 -18.68
C ILE E 115 6.19 -18.85 -17.71
N PHE E 116 6.21 -20.16 -18.00
CA PHE E 116 5.66 -21.21 -17.13
C PHE E 116 6.80 -21.86 -16.36
N PHE E 117 6.98 -21.56 -15.06
CA PHE E 117 8.11 -22.15 -14.30
C PHE E 117 7.56 -23.02 -13.18
N ALA E 118 8.39 -23.96 -12.75
CA ALA E 118 8.09 -24.93 -11.70
C ALA E 118 8.09 -24.22 -10.33
N GLN E 119 7.35 -24.77 -9.39
CA GLN E 119 7.29 -24.28 -8.00
C GLN E 119 8.71 -24.09 -7.44
N TRP E 120 9.62 -25.04 -7.62
CA TRP E 120 11.00 -24.98 -7.04
C TRP E 120 11.74 -23.75 -7.58
N VAL E 121 11.48 -23.34 -8.82
CA VAL E 121 12.13 -22.16 -9.45
C VAL E 121 11.53 -20.90 -8.80
N SER E 122 10.25 -20.91 -8.48
CA SER E 122 9.55 -19.78 -7.83
C SER E 122 10.11 -19.57 -6.42
N GLN E 123 10.36 -20.67 -5.73
CA GLN E 123 10.85 -20.69 -4.32
C GLN E 123 12.34 -20.33 -4.28
N HIS E 124 13.14 -20.83 -5.22
CA HIS E 124 14.61 -20.68 -5.14
C HIS E 124 15.15 -20.26 -6.50
N PRO E 125 14.72 -19.08 -7.00
CA PRO E 125 15.18 -18.62 -8.32
C PRO E 125 16.71 -18.60 -8.41
N GLU E 126 17.37 -18.30 -7.29
CA GLU E 126 18.85 -18.22 -7.18
C GLU E 126 19.50 -19.49 -7.77
N LEU E 127 18.86 -20.67 -7.70
CA LEU E 127 19.47 -21.96 -8.14
C LEU E 127 19.58 -22.05 -9.66
N THR E 128 18.85 -21.22 -10.42
CA THR E 128 18.91 -21.17 -11.90
C THR E 128 19.86 -20.06 -12.37
N VAL E 129 20.46 -19.29 -11.45
CA VAL E 129 21.31 -18.12 -11.80
C VAL E 129 22.72 -18.64 -12.06
N VAL E 130 22.95 -19.07 -13.30
CA VAL E 130 24.21 -19.73 -13.72
C VAL E 130 24.41 -19.45 -15.22
N PHE E 131 25.63 -19.69 -15.70
CA PHE E 131 25.87 -20.02 -17.12
C PHE E 131 25.38 -21.47 -17.28
N GLN E 132 24.18 -21.63 -17.82
CA GLN E 132 23.46 -22.92 -17.78
C GLN E 132 24.25 -24.00 -18.53
N ASN E 133 25.01 -23.64 -19.55
CA ASN E 133 25.77 -24.58 -20.43
C ASN E 133 26.81 -25.35 -19.60
N GLU E 134 27.31 -24.76 -18.51
CA GLU E 134 28.31 -25.38 -17.60
C GLU E 134 27.61 -26.09 -16.43
N HIS E 135 26.27 -26.20 -16.43
CA HIS E 135 25.49 -26.71 -15.27
C HIS E 135 24.23 -27.46 -15.71
N LEU E 136 24.21 -28.04 -16.91
CA LEU E 136 23.01 -28.73 -17.49
C LEU E 136 22.53 -29.89 -16.61
N ASP E 137 23.44 -30.69 -16.05
CA ASP E 137 23.08 -31.89 -15.24
C ASP E 137 22.46 -31.43 -13.92
N GLU E 138 23.04 -30.43 -13.27
CA GLU E 138 22.53 -29.85 -12.00
C GLU E 138 21.08 -29.37 -12.24
N MET E 139 20.82 -28.70 -13.38
CA MET E 139 19.49 -28.13 -13.68
C MET E 139 18.48 -29.29 -13.80
N ARG E 140 18.87 -30.38 -14.47
CA ARG E 140 17.97 -31.54 -14.67
C ARG E 140 17.73 -32.26 -13.34
N ALA E 141 18.75 -32.33 -12.47
CA ALA E 141 18.61 -32.89 -11.11
C ALA E 141 17.57 -32.08 -10.30
N LEU E 142 17.70 -30.74 -10.31
CA LEU E 142 16.78 -29.83 -9.59
C LEU E 142 15.35 -29.98 -10.14
N ARG E 143 15.22 -30.11 -11.47
CA ARG E 143 13.94 -30.30 -12.20
C ARG E 143 13.26 -31.62 -11.78
N ASP E 144 14.03 -32.73 -11.77
CA ASP E 144 13.50 -34.08 -11.48
C ASP E 144 13.14 -34.15 -9.98
N GLU E 145 13.87 -33.41 -9.14
CA GLU E 145 13.65 -33.37 -7.68
C GLU E 145 12.33 -32.63 -7.38
N GLY E 146 11.98 -31.58 -8.15
CA GLY E 146 10.80 -30.76 -7.82
C GLY E 146 10.94 -30.01 -6.48
N PRO E 147 9.84 -29.52 -5.88
CA PRO E 147 8.48 -29.72 -6.39
C PRO E 147 8.22 -28.92 -7.67
N VAL E 148 7.29 -29.44 -8.49
CA VAL E 148 6.97 -28.88 -9.84
C VAL E 148 5.70 -28.05 -9.77
N TYR E 149 4.71 -28.44 -8.94
CA TYR E 149 3.30 -27.99 -9.08
C TYR E 149 2.80 -27.38 -7.78
N PRO E 150 1.88 -26.39 -7.82
CA PRO E 150 1.44 -25.76 -9.07
C PRO E 150 2.52 -24.89 -9.74
N GLN E 151 2.48 -24.86 -11.08
CA GLN E 151 3.34 -23.99 -11.89
C GLN E 151 2.96 -22.54 -11.61
N VAL E 152 3.94 -21.64 -11.68
CA VAL E 152 3.75 -20.17 -11.61
C VAL E 152 3.89 -19.64 -13.02
N VAL E 153 2.92 -18.82 -13.45
CA VAL E 153 2.85 -18.31 -14.83
C VAL E 153 3.02 -16.80 -14.79
N ILE E 154 3.96 -16.27 -15.55
CA ILE E 154 4.10 -14.81 -15.74
C ILE E 154 3.66 -14.46 -17.15
N ASP E 155 2.67 -13.57 -17.27
CA ASP E 155 2.26 -12.91 -18.53
C ASP E 155 2.51 -11.43 -18.36
N GLU E 156 3.43 -10.88 -19.13
CA GLU E 156 3.81 -9.45 -19.05
C GLU E 156 4.17 -8.96 -20.44
N PHE E 157 3.79 -7.73 -20.70
CA PHE E 157 4.30 -6.92 -21.83
C PHE E 157 5.65 -6.36 -21.44
N ALA E 158 6.54 -6.23 -22.41
CA ALA E 158 7.85 -5.54 -22.29
C ALA E 158 7.98 -4.48 -23.39
N THR E 159 8.74 -3.42 -23.13
CA THR E 159 9.21 -2.44 -24.13
C THR E 159 10.56 -2.93 -24.66
N ILE E 160 10.72 -2.99 -25.98
CA ILE E 160 12.03 -3.26 -26.61
C ILE E 160 12.78 -1.93 -26.73
N THR E 161 13.83 -1.76 -25.92
CA THR E 161 14.58 -0.49 -25.76
C THR E 161 15.71 -0.43 -26.79
N PHE E 162 16.15 -1.55 -27.35
CA PHE E 162 17.36 -1.64 -28.20
C PHE E 162 17.26 -2.83 -29.15
N VAL E 163 17.61 -2.62 -30.41
CA VAL E 163 17.62 -3.67 -31.49
C VAL E 163 18.83 -3.41 -32.40
N GLU E 164 19.58 -4.44 -32.76
CA GLU E 164 20.68 -4.39 -33.76
C GLU E 164 20.75 -5.74 -34.49
N ASN E 165 21.32 -5.74 -35.70
CA ASN E 165 21.55 -6.97 -36.50
C ASN E 165 22.99 -7.39 -36.27
N CYS E 166 23.20 -8.63 -35.82
CA CYS E 166 24.54 -9.22 -35.56
C CYS E 166 24.77 -10.40 -36.51
N GLY E 167 23.91 -10.59 -37.51
CA GLY E 167 24.03 -11.72 -38.46
C GLY E 167 23.87 -13.08 -37.78
N ILE E 168 24.06 -14.15 -38.55
CA ILE E 168 23.78 -15.57 -38.21
C ILE E 168 24.98 -16.17 -37.46
N ASP E 169 24.71 -17.07 -36.51
CA ASP E 169 25.73 -17.97 -35.89
C ASP E 169 26.92 -17.18 -35.34
N ASN E 170 26.69 -16.00 -34.79
CA ASN E 170 27.75 -15.13 -34.21
C ASN E 170 27.85 -15.40 -32.71
N ASP E 171 28.92 -16.07 -32.30
CA ASP E 171 29.11 -16.62 -30.93
C ASP E 171 29.66 -15.53 -29.99
N ASP E 172 29.86 -14.30 -30.49
CA ASP E 172 30.50 -13.20 -29.72
C ASP E 172 29.43 -12.28 -29.09
N VAL E 173 28.18 -12.34 -29.55
CA VAL E 173 27.10 -11.40 -29.11
C VAL E 173 26.86 -11.58 -27.61
N ILE E 174 26.68 -12.83 -27.17
CA ILE E 174 26.39 -13.18 -25.75
C ILE E 174 27.45 -14.20 -25.31
N ASP E 175 28.57 -13.72 -24.77
CA ASP E 175 29.75 -14.58 -24.45
C ASP E 175 30.28 -14.30 -23.04
N CYS E 176 29.46 -13.75 -22.14
CA CYS E 176 29.85 -13.56 -20.72
C CYS E 176 28.62 -13.29 -19.84
N ALA E 177 28.80 -13.43 -18.52
CA ALA E 177 27.79 -13.14 -17.50
C ALA E 177 27.42 -11.66 -17.61
N PRO E 178 26.15 -11.26 -17.31
CA PRO E 178 25.75 -9.86 -17.37
C PRO E 178 26.56 -8.97 -16.40
N GLY E 179 26.98 -9.52 -15.25
CA GLY E 179 27.83 -8.84 -14.26
C GLY E 179 29.20 -8.44 -14.82
N GLU E 180 29.68 -9.10 -15.87
CA GLU E 180 31.02 -8.86 -16.48
C GLU E 180 30.94 -7.86 -17.66
N LEU E 181 29.80 -7.25 -17.94
CA LEU E 181 29.64 -6.26 -19.04
C LEU E 181 29.91 -4.86 -18.47
N PRO E 182 30.31 -3.89 -19.34
CA PRO E 182 30.29 -2.47 -19.00
C PRO E 182 28.97 -2.01 -18.36
N ASP E 183 29.00 -0.97 -17.52
CA ASP E 183 27.89 -0.59 -16.61
C ASP E 183 26.66 -0.14 -17.40
N GLY E 184 26.80 0.56 -18.53
CA GLY E 184 25.64 1.13 -19.25
C GLY E 184 25.04 0.23 -20.31
N TYR E 185 25.53 -1.02 -20.45
CA TYR E 185 25.23 -1.91 -21.61
C TYR E 185 23.73 -2.08 -21.75
N ILE E 186 23.09 -2.39 -20.63
CA ILE E 186 21.64 -2.72 -20.55
C ILE E 186 20.79 -1.46 -20.78
N ASP E 187 21.38 -0.28 -20.65
CA ASP E 187 20.66 1.03 -20.62
C ASP E 187 20.69 1.71 -22.00
N ARG E 188 21.40 1.15 -22.98
CA ARG E 188 21.50 1.72 -24.36
C ARG E 188 20.13 1.65 -25.05
N THR E 189 19.83 2.63 -25.92
CA THR E 189 18.53 2.79 -26.63
C THR E 189 18.77 3.15 -28.10
N ASN E 190 17.77 2.95 -28.99
CA ASN E 190 17.86 3.33 -30.43
C ASN E 190 16.50 3.23 -31.14
N PRO F 25 3.10 2.99 -28.95
CA PRO F 25 2.95 2.27 -27.66
C PRO F 25 2.63 0.77 -27.83
N GLN F 26 2.35 0.08 -26.71
CA GLN F 26 1.82 -1.31 -26.64
C GLN F 26 0.33 -1.32 -26.96
N PRO F 27 -0.27 -2.41 -27.47
CA PRO F 27 -1.63 -2.38 -27.97
C PRO F 27 -2.66 -2.23 -26.83
N ASP F 28 -3.79 -1.61 -27.15
CA ASP F 28 -4.93 -1.42 -26.21
C ASP F 28 -5.41 -2.81 -25.76
N GLN F 29 -5.75 -2.97 -24.47
CA GLN F 29 -6.09 -4.26 -23.85
C GLN F 29 -7.61 -4.40 -23.63
N ASP F 30 -8.42 -3.89 -24.56
CA ASP F 30 -9.88 -4.16 -24.62
C ASP F 30 -10.07 -5.58 -25.18
N LEU F 31 -10.73 -6.45 -24.40
CA LEU F 31 -10.90 -7.88 -24.76
C LEU F 31 -12.31 -8.17 -25.30
N SER F 32 -13.10 -7.12 -25.59
CA SER F 32 -14.50 -7.28 -26.05
C SER F 32 -14.55 -7.98 -27.41
N GLY F 33 -13.51 -7.84 -28.25
CA GLY F 33 -13.41 -8.48 -29.59
C GLY F 33 -13.13 -9.98 -29.52
N ILE F 34 -12.80 -10.53 -28.34
CA ILE F 34 -12.48 -11.97 -28.15
C ILE F 34 -13.47 -12.64 -27.19
N VAL F 35 -13.89 -12.01 -26.08
CA VAL F 35 -14.84 -12.63 -25.10
C VAL F 35 -16.13 -12.97 -25.86
N GLY F 36 -16.68 -14.16 -25.55
CA GLY F 36 -17.91 -14.66 -26.18
C GLY F 36 -17.65 -15.47 -27.45
N LYS F 37 -16.46 -15.33 -28.06
CA LYS F 37 -16.12 -16.00 -29.35
C LYS F 37 -16.05 -17.53 -29.16
N HIS F 38 -16.62 -18.24 -30.13
CA HIS F 38 -16.67 -19.72 -30.21
C HIS F 38 -16.12 -20.10 -31.59
N LEU F 39 -15.01 -20.84 -31.64
CA LEU F 39 -14.35 -21.15 -32.94
C LEU F 39 -14.04 -22.63 -33.06
N ILE F 40 -14.07 -23.09 -34.30
CA ILE F 40 -13.59 -24.44 -34.72
C ILE F 40 -12.41 -24.22 -35.65
N TYR F 41 -11.35 -24.99 -35.43
CA TYR F 41 -10.07 -24.84 -36.19
C TYR F 41 -9.47 -26.23 -36.44
N THR F 42 -8.76 -26.33 -37.56
CA THR F 42 -8.06 -27.55 -38.03
C THR F 42 -6.57 -27.22 -38.15
N TYR F 43 -5.74 -27.89 -37.34
CA TYR F 43 -4.25 -27.75 -37.43
C TYR F 43 -3.80 -28.33 -38.80
N ALA F 44 -2.64 -27.93 -39.27
CA ALA F 44 -2.00 -28.37 -40.54
C ALA F 44 -1.94 -29.91 -40.62
N ASN F 45 -1.85 -30.59 -39.47
CA ASN F 45 -1.77 -32.08 -39.34
C ASN F 45 -3.18 -32.70 -39.31
N GLY F 46 -4.24 -31.90 -39.50
CA GLY F 46 -5.63 -32.37 -39.64
C GLY F 46 -6.40 -32.42 -38.33
N TRP F 47 -5.76 -32.15 -37.17
CA TRP F 47 -6.44 -32.24 -35.86
C TRP F 47 -7.49 -31.12 -35.75
N GLN F 48 -8.73 -31.45 -35.38
CA GLN F 48 -9.86 -30.50 -35.28
C GLN F 48 -10.09 -30.20 -33.80
N TYR F 49 -9.93 -28.93 -33.43
CA TYR F 49 -10.11 -28.40 -32.05
C TYR F 49 -11.26 -27.37 -32.06
N GLU F 50 -11.82 -27.11 -30.89
CA GLU F 50 -12.93 -26.18 -30.66
C GLU F 50 -12.67 -25.39 -29.37
N LEU F 51 -12.93 -24.09 -29.39
CA LEU F 51 -12.65 -23.19 -28.25
C LEU F 51 -13.86 -22.27 -28.02
N TYR F 52 -14.21 -22.00 -26.76
CA TYR F 52 -15.20 -20.94 -26.38
C TYR F 52 -14.56 -20.05 -25.31
N VAL F 53 -14.44 -18.76 -25.59
CA VAL F 53 -13.90 -17.76 -24.62
C VAL F 53 -15.08 -17.28 -23.74
N LYS F 54 -15.26 -17.95 -22.61
CA LYS F 54 -16.40 -17.75 -21.68
C LYS F 54 -16.37 -16.33 -21.09
N ASN F 55 -15.19 -15.85 -20.71
CA ASN F 55 -14.98 -14.51 -20.13
C ASN F 55 -13.49 -14.15 -20.23
N GLU F 56 -13.13 -12.99 -19.70
CA GLU F 56 -11.75 -12.41 -19.74
C GLU F 56 -10.72 -13.45 -19.35
N ASN F 57 -11.06 -14.44 -18.52
CA ASN F 57 -10.00 -15.34 -17.97
C ASN F 57 -10.46 -16.81 -17.87
N THR F 58 -11.42 -17.22 -18.70
CA THR F 58 -11.97 -18.60 -18.65
C THR F 58 -12.32 -19.05 -20.06
N ILE F 59 -11.99 -20.31 -20.40
CA ILE F 59 -12.40 -20.96 -21.67
C ILE F 59 -12.98 -22.34 -21.35
N ASP F 60 -13.87 -22.80 -22.21
CA ASP F 60 -14.23 -24.23 -22.40
C ASP F 60 -13.57 -24.66 -23.71
N TYR F 61 -13.15 -25.91 -23.83
CA TYR F 61 -12.64 -26.43 -25.13
C TYR F 61 -13.03 -27.90 -25.30
N ARG F 62 -12.97 -28.35 -26.55
CA ARG F 62 -13.44 -29.68 -26.98
C ARG F 62 -12.58 -30.12 -28.19
N ILE F 63 -11.97 -31.29 -28.10
CA ILE F 63 -11.03 -31.80 -29.14
C ILE F 63 -11.74 -32.94 -29.88
N HIS F 64 -11.83 -32.83 -31.21
CA HIS F 64 -12.64 -33.72 -32.08
C HIS F 64 -11.79 -34.83 -32.71
N SER F 65 -10.52 -34.56 -33.01
CA SER F 65 -9.64 -35.52 -33.71
C SER F 65 -8.17 -35.28 -33.31
N GLY F 66 -7.28 -36.12 -33.83
CA GLY F 66 -5.89 -36.21 -33.38
C GLY F 66 -5.78 -37.14 -32.18
N PRO F 67 -4.58 -37.22 -31.58
CA PRO F 67 -4.30 -38.16 -30.52
C PRO F 67 -5.21 -38.03 -29.28
N VAL F 68 -5.77 -36.84 -29.02
CA VAL F 68 -6.61 -36.61 -27.80
C VAL F 68 -8.03 -36.24 -28.23
N GLY F 69 -8.43 -36.60 -29.45
CA GLY F 69 -9.86 -36.54 -29.87
C GLY F 69 -10.74 -37.22 -28.85
N GLY F 70 -11.81 -36.55 -28.40
CA GLY F 70 -12.73 -37.01 -27.34
C GLY F 70 -12.56 -36.23 -26.06
N ARG F 71 -11.38 -35.62 -25.83
CA ARG F 71 -11.06 -34.78 -24.66
C ARG F 71 -11.87 -33.47 -24.70
N TRP F 72 -12.45 -33.09 -23.56
CA TRP F 72 -13.16 -31.79 -23.44
C TRP F 72 -13.12 -31.30 -22.00
N VAL F 73 -13.17 -29.97 -21.85
CA VAL F 73 -12.79 -29.25 -20.61
C VAL F 73 -13.70 -28.03 -20.47
N LYS F 74 -14.20 -27.80 -19.25
CA LYS F 74 -14.99 -26.58 -18.91
C LYS F 74 -14.24 -25.79 -17.84
N ASP F 75 -14.31 -24.45 -17.95
CA ASP F 75 -13.89 -23.52 -16.86
C ASP F 75 -12.37 -23.63 -16.66
N GLN F 76 -11.64 -23.72 -17.78
CA GLN F 76 -10.16 -23.69 -17.80
C GLN F 76 -9.73 -22.25 -17.53
N PRO F 77 -9.03 -21.98 -16.40
CA PRO F 77 -8.50 -20.65 -16.17
C PRO F 77 -7.39 -20.37 -17.19
N VAL F 78 -7.37 -19.14 -17.65
CA VAL F 78 -6.66 -18.70 -18.86
C VAL F 78 -6.18 -17.25 -18.63
N VAL F 79 -5.08 -16.83 -19.25
CA VAL F 79 -4.69 -15.40 -19.35
C VAL F 79 -4.75 -14.99 -20.81
N ILE F 80 -5.45 -13.91 -21.11
CA ILE F 80 -5.69 -13.39 -22.49
C ILE F 80 -5.12 -11.97 -22.60
N VAL F 81 -4.43 -11.69 -23.72
CA VAL F 81 -3.98 -10.32 -24.07
C VAL F 81 -4.31 -10.07 -25.54
N ARG F 82 -4.45 -8.80 -25.91
CA ARG F 82 -4.69 -8.33 -27.30
C ARG F 82 -3.34 -7.96 -27.89
N LEU F 83 -3.03 -8.47 -29.09
CA LEU F 83 -1.73 -8.30 -29.78
C LEU F 83 -1.83 -7.29 -30.93
N GLY F 84 -3.04 -6.97 -31.36
CA GLY F 84 -3.28 -6.10 -32.52
C GLY F 84 -4.70 -6.24 -32.98
N ASN F 85 -5.00 -5.79 -34.19
CA ASN F 85 -6.39 -5.77 -34.68
C ASN F 85 -6.84 -7.22 -34.91
N GLY F 86 -7.86 -7.65 -34.17
CA GLY F 86 -8.43 -9.01 -34.23
C GLY F 86 -7.45 -10.13 -33.91
N MET F 87 -6.36 -9.81 -33.21
CA MET F 87 -5.27 -10.78 -32.87
C MET F 87 -5.13 -10.82 -31.35
N TYR F 88 -5.22 -12.02 -30.76
CA TYR F 88 -5.24 -12.24 -29.28
C TYR F 88 -4.30 -13.41 -28.93
N LYS F 89 -3.76 -13.41 -27.71
CA LYS F 89 -2.93 -14.50 -27.15
C LYS F 89 -3.71 -15.09 -25.99
N VAL F 90 -3.72 -16.43 -25.90
CA VAL F 90 -4.44 -17.18 -24.84
C VAL F 90 -3.49 -18.22 -24.30
N SER F 91 -3.17 -18.19 -23.01
CA SER F 91 -2.18 -19.11 -22.40
C SER F 91 -2.74 -19.68 -21.11
N TRP F 92 -2.39 -20.93 -20.79
CA TRP F 92 -2.88 -21.63 -19.58
C TRP F 92 -2.04 -22.88 -19.28
N THR F 93 -2.22 -23.46 -18.10
CA THR F 93 -1.66 -24.77 -17.72
C THR F 93 -2.81 -25.69 -17.34
N GLU F 94 -2.61 -26.99 -17.53
CA GLU F 94 -3.67 -28.02 -17.38
C GLU F 94 -3.33 -28.87 -16.16
N PRO F 95 -4.36 -29.51 -15.55
CA PRO F 95 -4.13 -30.47 -14.48
C PRO F 95 -3.20 -31.64 -14.84
N THR F 96 -3.00 -31.90 -16.14
CA THR F 96 -2.10 -32.96 -16.68
C THR F 96 -0.64 -32.52 -16.64
N GLY F 97 -0.40 -31.22 -16.43
CA GLY F 97 0.93 -30.60 -16.49
C GLY F 97 1.20 -29.97 -17.84
N THR F 98 0.29 -30.13 -18.80
CA THR F 98 0.41 -29.55 -20.16
C THR F 98 0.31 -28.02 -20.05
N CYS F 99 1.15 -27.30 -20.79
CA CYS F 99 1.10 -25.82 -20.96
C CYS F 99 0.70 -25.48 -22.39
N VAL F 100 -0.10 -24.44 -22.61
CA VAL F 100 -0.61 -24.05 -23.95
C VAL F 100 -0.47 -22.53 -24.08
N SER F 101 0.00 -22.05 -25.24
CA SER F 101 -0.06 -20.63 -25.62
C SER F 101 -0.54 -20.57 -27.08
N LEU F 102 -1.71 -19.96 -27.30
CA LEU F 102 -2.30 -19.78 -28.66
C LEU F 102 -2.18 -18.32 -29.09
N VAL F 103 -1.93 -18.10 -30.37
CA VAL F 103 -2.16 -16.80 -31.02
C VAL F 103 -3.36 -16.99 -31.95
N VAL F 104 -4.44 -16.24 -31.71
CA VAL F 104 -5.69 -16.32 -32.50
C VAL F 104 -5.81 -15.06 -33.36
N ASP F 105 -5.79 -15.19 -34.68
CA ASP F 105 -6.08 -14.07 -35.64
C ASP F 105 -7.48 -14.29 -36.22
N LEU F 106 -8.49 -13.65 -35.63
CA LEU F 106 -9.92 -13.69 -36.09
C LEU F 106 -10.08 -12.99 -37.44
N ALA F 107 -9.40 -11.88 -37.68
CA ALA F 107 -9.43 -11.12 -38.94
C ALA F 107 -8.99 -12.04 -40.10
N GLU F 108 -7.83 -12.70 -39.98
CA GLU F 108 -7.24 -13.49 -41.10
C GLU F 108 -7.64 -14.98 -40.99
N ARG F 109 -8.45 -15.35 -39.99
CA ARG F 109 -9.03 -16.72 -39.80
C ARG F 109 -7.94 -17.81 -39.68
N TRP F 110 -6.88 -17.54 -38.94
CA TRP F 110 -5.86 -18.56 -38.61
C TRP F 110 -5.51 -18.46 -37.13
N LEU F 111 -4.82 -19.46 -36.65
CA LEU F 111 -4.45 -19.62 -35.22
C LEU F 111 -3.10 -20.34 -35.19
N HIS F 112 -2.21 -19.96 -34.27
CA HIS F 112 -0.94 -20.69 -34.03
C HIS F 112 -0.95 -21.24 -32.62
N GLY F 113 -0.72 -22.54 -32.51
CA GLY F 113 -0.72 -23.23 -31.20
C GLY F 113 0.66 -23.74 -30.84
N THR F 114 1.10 -23.45 -29.63
CA THR F 114 2.23 -24.13 -28.97
C THR F 114 1.66 -24.92 -27.79
N ILE F 115 1.80 -26.25 -27.84
CA ILE F 115 1.32 -27.19 -26.79
C ILE F 115 2.55 -27.88 -26.22
N PHE F 116 2.87 -27.63 -24.95
CA PHE F 116 3.96 -28.29 -24.21
C PHE F 116 3.34 -29.41 -23.39
N PHE F 117 3.20 -30.61 -23.97
CA PHE F 117 2.63 -31.77 -23.29
C PHE F 117 3.68 -32.35 -22.38
N ALA F 118 3.25 -32.93 -21.25
CA ALA F 118 4.13 -33.75 -20.38
C ALA F 118 4.47 -35.06 -21.09
N GLN F 119 5.63 -35.65 -20.83
CA GLN F 119 6.07 -36.88 -21.51
C GLN F 119 4.96 -37.95 -21.43
N TRP F 120 4.35 -38.17 -20.27
CA TRP F 120 3.36 -39.26 -20.07
C TRP F 120 2.13 -39.02 -20.96
N VAL F 121 1.79 -37.76 -21.24
CA VAL F 121 0.64 -37.41 -22.12
C VAL F 121 1.02 -37.73 -23.58
N SER F 122 2.28 -37.55 -23.95
CA SER F 122 2.81 -37.84 -25.31
C SER F 122 2.77 -39.35 -25.53
N GLN F 123 3.13 -40.11 -24.47
CA GLN F 123 3.22 -41.58 -24.50
C GLN F 123 1.82 -42.18 -24.48
N HIS F 124 0.89 -41.64 -23.68
CA HIS F 124 -0.42 -42.26 -23.42
C HIS F 124 -1.52 -41.22 -23.55
N PRO F 125 -1.66 -40.60 -24.75
CA PRO F 125 -2.65 -39.55 -24.94
C PRO F 125 -4.05 -40.06 -24.54
N GLU F 126 -4.32 -41.34 -24.78
CA GLU F 126 -5.63 -41.99 -24.48
C GLU F 126 -6.07 -41.70 -23.03
N LEU F 127 -5.13 -41.53 -22.08
CA LEU F 127 -5.46 -41.38 -20.63
C LEU F 127 -6.07 -39.99 -20.34
N THR F 128 -5.91 -39.02 -21.24
CA THR F 128 -6.45 -37.64 -21.09
C THR F 128 -7.76 -37.49 -21.86
N VAL F 129 -8.23 -38.56 -22.52
CA VAL F 129 -9.48 -38.52 -23.34
C VAL F 129 -10.67 -38.74 -22.41
N VAL F 130 -11.15 -37.66 -21.80
CA VAL F 130 -12.23 -37.67 -20.76
C VAL F 130 -12.93 -36.33 -20.77
N PHE F 131 -14.09 -36.25 -20.11
CA PHE F 131 -14.61 -34.98 -19.54
C PHE F 131 -13.74 -34.70 -18.31
N GLN F 132 -12.76 -33.81 -18.45
CA GLN F 132 -11.70 -33.64 -17.44
C GLN F 132 -12.30 -33.23 -16.08
N ASN F 133 -13.40 -32.48 -16.09
CA ASN F 133 -14.04 -31.90 -14.87
C ASN F 133 -14.49 -33.03 -13.92
N GLU F 134 -14.83 -34.20 -14.46
CA GLU F 134 -15.29 -35.40 -13.69
C GLU F 134 -14.11 -36.31 -13.34
N HIS F 135 -12.86 -35.92 -13.65
CA HIS F 135 -11.66 -36.79 -13.52
C HIS F 135 -10.42 -36.00 -13.11
N LEU F 136 -10.58 -34.86 -12.40
CA LEU F 136 -9.46 -33.96 -12.03
C LEU F 136 -8.45 -34.67 -11.12
N ASP F 137 -8.89 -35.52 -10.21
CA ASP F 137 -7.96 -36.20 -9.25
C ASP F 137 -7.10 -37.20 -10.02
N GLU F 138 -7.71 -37.99 -10.91
CA GLU F 138 -7.01 -38.97 -11.77
C GLU F 138 -5.92 -38.25 -12.57
N MET F 139 -6.25 -37.08 -13.15
CA MET F 139 -5.30 -36.32 -14.01
C MET F 139 -4.10 -35.90 -13.16
N ARG F 140 -4.35 -35.41 -11.93
CA ARG F 140 -3.26 -34.94 -11.03
C ARG F 140 -2.44 -36.15 -10.55
N ALA F 141 -3.05 -37.30 -10.33
CA ALA F 141 -2.33 -38.53 -9.96
C ALA F 141 -1.38 -38.93 -11.10
N LEU F 142 -1.89 -38.95 -12.35
CA LEU F 142 -1.08 -39.30 -13.55
C LEU F 142 0.06 -38.30 -13.72
N ARG F 143 -0.20 -37.01 -13.45
CA ARG F 143 0.78 -35.88 -13.53
C ARG F 143 1.88 -36.06 -12.48
N ASP F 144 1.52 -36.37 -11.22
CA ASP F 144 2.48 -36.48 -10.09
C ASP F 144 3.29 -37.76 -10.28
N GLU F 145 2.72 -38.78 -10.92
CA GLU F 145 3.41 -40.05 -11.22
C GLU F 145 4.46 -39.80 -12.33
N GLY F 146 4.16 -38.95 -13.30
CA GLY F 146 5.02 -38.71 -14.45
C GLY F 146 5.18 -39.94 -15.35
N PRO F 147 6.24 -39.97 -16.19
CA PRO F 147 7.23 -38.90 -16.25
C PRO F 147 6.66 -37.60 -16.87
N VAL F 148 7.23 -36.47 -16.49
CA VAL F 148 6.82 -35.10 -16.95
C VAL F 148 7.78 -34.64 -18.06
N TYR F 149 9.05 -35.06 -17.98
CA TYR F 149 10.19 -34.47 -18.70
C TYR F 149 10.90 -35.54 -19.52
N PRO F 150 11.47 -35.21 -20.69
CA PRO F 150 11.33 -33.87 -21.28
C PRO F 150 9.91 -33.62 -21.83
N GLN F 151 9.46 -32.36 -21.78
CA GLN F 151 8.21 -31.94 -22.42
C GLN F 151 8.33 -32.11 -23.93
N VAL F 152 7.22 -32.45 -24.58
CA VAL F 152 7.13 -32.62 -26.05
C VAL F 152 6.33 -31.43 -26.58
N VAL F 153 6.82 -30.76 -27.60
CA VAL F 153 6.30 -29.44 -28.02
C VAL F 153 5.69 -29.54 -29.42
N ILE F 154 4.45 -29.13 -29.57
CA ILE F 154 3.82 -29.00 -30.91
C ILE F 154 3.65 -27.51 -31.22
N ASP F 155 4.21 -27.06 -32.34
CA ASP F 155 3.97 -25.73 -32.94
C ASP F 155 3.33 -25.95 -34.29
N GLU F 156 2.07 -25.55 -34.45
CA GLU F 156 1.34 -25.72 -35.73
C GLU F 156 0.40 -24.54 -35.93
N PHE F 157 0.29 -24.14 -37.18
CA PHE F 157 -0.78 -23.25 -37.68
C PHE F 157 -2.06 -24.08 -37.88
N ALA F 158 -3.20 -23.46 -37.62
CA ALA F 158 -4.55 -23.98 -37.89
C ALA F 158 -5.32 -22.96 -38.74
N THR F 159 -6.27 -23.45 -39.56
CA THR F 159 -7.32 -22.63 -40.23
C THR F 159 -8.54 -22.56 -39.31
N ILE F 160 -9.05 -21.37 -39.03
CA ILE F 160 -10.34 -21.20 -38.31
C ILE F 160 -11.47 -21.29 -39.33
N THR F 161 -12.23 -22.37 -39.29
CA THR F 161 -13.26 -22.74 -40.29
C THR F 161 -14.61 -22.11 -39.90
N PHE F 162 -14.81 -21.76 -38.64
CA PHE F 162 -16.12 -21.30 -38.10
C PHE F 162 -15.92 -20.41 -36.87
N VAL F 163 -16.67 -19.31 -36.81
CA VAL F 163 -16.68 -18.34 -35.67
C VAL F 163 -18.12 -17.87 -35.44
N GLU F 164 -18.56 -17.82 -34.19
CA GLU F 164 -19.85 -17.21 -33.78
C GLU F 164 -19.69 -16.54 -32.41
N ASN F 165 -20.61 -15.62 -32.09
CA ASN F 165 -20.59 -14.96 -30.76
C ASN F 165 -21.71 -15.57 -29.92
N CYS F 166 -21.37 -16.11 -28.77
CA CYS F 166 -22.30 -16.80 -27.84
C CYS F 166 -22.40 -16.01 -26.53
N GLY F 167 -21.86 -14.78 -26.47
CA GLY F 167 -21.87 -13.94 -25.26
C GLY F 167 -21.10 -14.57 -24.10
N ILE F 168 -21.19 -13.94 -22.92
CA ILE F 168 -20.36 -14.20 -21.71
C ILE F 168 -21.00 -15.32 -20.88
N ASP F 169 -20.19 -16.14 -20.20
CA ASP F 169 -20.62 -17.10 -19.16
C ASP F 169 -21.79 -17.98 -19.63
N ASN F 170 -21.81 -18.38 -20.89
CA ASN F 170 -22.84 -19.27 -21.48
C ASN F 170 -22.39 -20.74 -21.36
N ASP F 171 -23.00 -21.49 -20.47
CA ASP F 171 -22.58 -22.85 -20.07
C ASP F 171 -23.16 -23.90 -21.05
N ASP F 172 -23.88 -23.46 -22.08
CA ASP F 172 -24.60 -24.36 -23.03
C ASP F 172 -23.77 -24.57 -24.29
N VAL F 173 -22.76 -23.74 -24.55
CA VAL F 173 -21.96 -23.78 -25.82
C VAL F 173 -21.25 -25.14 -25.90
N ILE F 174 -20.55 -25.52 -24.84
CA ILE F 174 -19.75 -26.77 -24.78
C ILE F 174 -20.25 -27.56 -23.56
N ASP F 175 -21.25 -28.42 -23.76
CA ASP F 175 -21.93 -29.14 -22.65
C ASP F 175 -22.10 -30.63 -22.95
N CYS F 176 -21.28 -31.21 -23.83
CA CYS F 176 -21.26 -32.67 -24.08
C CYS F 176 -19.98 -33.12 -24.79
N ALA F 177 -19.71 -34.43 -24.77
CA ALA F 177 -18.59 -35.08 -25.49
C ALA F 177 -18.75 -34.82 -26.99
N PRO F 178 -17.65 -34.68 -27.77
CA PRO F 178 -17.74 -34.47 -29.20
C PRO F 178 -18.47 -35.59 -29.96
N GLY F 179 -18.36 -36.83 -29.48
CA GLY F 179 -19.07 -38.01 -30.03
C GLY F 179 -20.59 -37.88 -29.96
N GLU F 180 -21.11 -37.08 -29.02
CA GLU F 180 -22.56 -36.92 -28.74
C GLU F 180 -23.14 -35.70 -29.47
N LEU F 181 -22.42 -35.09 -30.42
CA LEU F 181 -22.93 -33.92 -31.20
C LEU F 181 -23.69 -34.37 -32.44
N PRO F 182 -24.59 -33.53 -33.00
CA PRO F 182 -25.10 -33.70 -34.36
C PRO F 182 -23.99 -33.94 -35.40
N ASP F 183 -24.30 -34.63 -36.49
CA ASP F 183 -23.27 -35.21 -37.41
C ASP F 183 -22.51 -34.12 -38.16
N GLY F 184 -23.15 -33.00 -38.52
CA GLY F 184 -22.49 -31.96 -39.34
C GLY F 184 -21.76 -30.88 -38.53
N TYR F 185 -21.81 -30.95 -37.19
CA TYR F 185 -21.49 -29.83 -36.26
C TYR F 185 -20.09 -29.31 -36.54
N ILE F 186 -19.11 -30.23 -36.58
CA ILE F 186 -17.67 -29.90 -36.69
C ILE F 186 -17.36 -29.41 -38.11
N ASP F 187 -18.26 -29.65 -39.08
CA ASP F 187 -18.00 -29.43 -40.52
C ASP F 187 -18.60 -28.10 -41.00
N ARG F 188 -19.32 -27.37 -40.14
CA ARG F 188 -19.96 -26.07 -40.49
C ARG F 188 -18.87 -25.02 -40.77
N THR F 189 -19.15 -24.08 -41.68
CA THR F 189 -18.20 -23.01 -42.12
C THR F 189 -18.94 -21.67 -42.21
N ASN F 190 -18.22 -20.53 -42.20
CA ASN F 190 -18.81 -19.17 -42.36
C ASN F 190 -17.73 -18.10 -42.61
#